data_3D1F
#
_entry.id   3D1F
#
_cell.length_a   65.778
_cell.length_b   65.778
_cell.length_c   209.472
_cell.angle_alpha   90.000
_cell.angle_beta   90.000
_cell.angle_gamma   120.000
#
_symmetry.space_group_name_H-M   'P 32'
#
loop_
_entity.id
_entity.type
_entity.pdbx_description
1 polymer 'DNA polymerase III subunit beta'
2 polymer 'Nonapeptide from polymerase III C-terminal'
3 non-polymer DI(HYDROXYETHYL)ETHER
4 non-polymer 2-[3,6-bis(dimethylamino)xanthen-9-yl]-5-methanoyl-benzoate
5 water water
#
loop_
_entity_poly.entity_id
_entity_poly.type
_entity_poly.pdbx_seq_one_letter_code
_entity_poly.pdbx_strand_id
1 'polypeptide(L)'
;MKFTVEREHLLKPLQQVSGPLGGRPTLPILGNLLLQVADGTLSLTGTDLEMEMVARVALVQPHEPGATTVPARKFFDICR
GLPEGAEIAVQLEGERMLVRSGRSRFSLSTLPAADFPNLDDWQSEVEFTLPQATMKRLIEATQFSMAHQDVRYYLNGMLF
ETEGEELRTVATDGHRLAVCSMPIGQSLPSHSVIVPRKGVIELMRMLDGGDNPLRVQIGSNNIRAHVGDFIFTSKLVDGR
FPDYRRVLPKNPDKHLEAGCDLLKQAFARAAILSNEKFRGVRLYVSENQLKITANNPEQEEAEEILDVTYSGAEMEIGFN
VSYVLDVLNALKCENVRMMLTDSVSSVQIEDAASQSAAYVVMPMRL
;
A,B
2 'polypeptide(L)' SEQVELEFD P,Q
#
loop_
_chem_comp.id
_chem_comp.type
_chem_comp.name
_chem_comp.formula
323 non-polymer 2-[3,6-bis(dimethylamino)xanthen-9-yl]-5-methanoyl-benzoate 'C25 H22 N2 O4'
PEG non-polymer DI(HYDROXYETHYL)ETHER 'C4 H10 O3'
#
# COMPACT_ATOMS: atom_id res chain seq x y z
N MET A 1 5.77 -22.39 32.72
CA MET A 1 5.28 -22.66 31.33
C MET A 1 6.44 -22.75 30.37
N LYS A 2 6.47 -23.82 29.59
CA LYS A 2 7.54 -24.02 28.61
C LYS A 2 7.02 -24.80 27.41
N PHE A 3 7.55 -24.48 26.23
CA PHE A 3 7.20 -25.20 25.03
C PHE A 3 8.22 -24.92 23.93
N THR A 4 8.28 -25.83 22.96
CA THR A 4 9.17 -25.68 21.82
C THR A 4 8.37 -26.11 20.62
N VAL A 5 8.11 -25.18 19.72
CA VAL A 5 7.32 -25.44 18.53
C VAL A 5 8.01 -24.94 17.27
N GLU A 6 7.82 -25.66 16.17
CA GLU A 6 8.40 -25.25 14.90
C GLU A 6 7.75 -23.95 14.43
N ARG A 7 8.57 -23.06 13.89
CA ARG A 7 8.11 -21.77 13.39
C ARG A 7 6.85 -21.86 12.52
N GLU A 8 6.85 -22.82 11.60
CA GLU A 8 5.72 -22.99 10.68
C GLU A 8 4.40 -23.38 11.33
N HIS A 9 4.44 -23.87 12.56
CA HIS A 9 3.22 -24.26 13.27
C HIS A 9 2.69 -23.11 14.12
N LEU A 10 3.52 -22.09 14.29
CA LEU A 10 3.16 -20.95 15.12
C LEU A 10 2.77 -19.69 14.36
N LEU A 11 3.30 -19.52 13.14
CA LEU A 11 3.04 -18.34 12.33
C LEU A 11 1.59 -17.98 12.02
N LYS A 12 0.84 -18.91 11.43
CA LYS A 12 -0.56 -18.66 11.11
C LYS A 12 -1.36 -18.38 12.38
N PRO A 13 -1.19 -19.21 13.42
CA PRO A 13 -1.92 -18.99 14.66
C PRO A 13 -1.69 -17.59 15.24
N LEU A 14 -0.43 -17.16 15.31
CA LEU A 14 -0.10 -15.85 15.86
C LEU A 14 -0.70 -14.73 15.02
N GLN A 15 -0.66 -14.89 13.70
CA GLN A 15 -1.21 -13.89 12.80
C GLN A 15 -2.72 -13.80 12.96
N GLN A 16 -3.36 -14.96 13.05
CA GLN A 16 -4.80 -15.05 13.20
C GLN A 16 -5.33 -14.49 14.52
N VAL A 17 -4.75 -14.90 15.64
CA VAL A 17 -5.24 -14.42 16.94
C VAL A 17 -4.97 -12.94 17.18
N SER A 18 -4.05 -12.36 16.43
CA SER A 18 -3.74 -10.94 16.58
C SER A 18 -4.76 -10.08 15.82
N GLY A 19 -5.66 -10.75 15.09
CA GLY A 19 -6.66 -10.05 14.31
C GLY A 19 -7.45 -8.97 15.05
N PRO A 20 -8.17 -9.32 16.14
CA PRO A 20 -8.94 -8.33 16.89
C PRO A 20 -8.15 -7.17 17.51
N LEU A 21 -6.83 -7.28 17.53
CA LEU A 21 -6.00 -6.21 18.09
C LEU A 21 -5.87 -5.07 17.08
N GLY A 22 -4.97 -4.13 17.35
CA GLY A 22 -4.81 -3.00 16.44
C GLY A 22 -3.44 -2.34 16.44
N GLY A 23 -2.53 -2.83 17.28
CA GLY A 23 -1.20 -2.23 17.34
C GLY A 23 -1.20 -1.00 18.21
N ARG A 24 -2.37 -0.36 18.31
CA ARG A 24 -2.52 0.84 19.13
C ARG A 24 -3.73 0.64 20.05
N PRO A 25 -3.66 -0.34 20.97
CA PRO A 25 -4.75 -0.63 21.89
C PRO A 25 -4.94 0.46 22.94
N THR A 26 -6.16 0.52 23.49
CA THR A 26 -6.48 1.51 24.50
C THR A 26 -6.05 1.00 25.87
N LEU A 27 -5.72 -0.28 25.93
CA LEU A 27 -5.28 -0.92 27.18
C LEU A 27 -4.08 -1.81 26.88
N PRO A 28 -3.03 -1.73 27.69
CA PRO A 28 -1.83 -2.55 27.51
C PRO A 28 -2.10 -4.04 27.33
N ILE A 29 -2.93 -4.59 28.21
CA ILE A 29 -3.25 -6.02 28.17
C ILE A 29 -3.93 -6.43 26.85
N LEU A 30 -4.71 -5.53 26.26
CA LEU A 30 -5.40 -5.84 24.99
C LEU A 30 -4.41 -5.89 23.84
N GLY A 31 -3.17 -5.53 24.11
CA GLY A 31 -2.13 -5.56 23.12
C GLY A 31 -1.34 -6.86 23.23
N ASN A 32 -1.72 -7.68 24.21
CA ASN A 32 -1.04 -8.96 24.43
C ASN A 32 -1.89 -10.13 24.00
N LEU A 33 -1.25 -11.29 23.89
CA LEU A 33 -1.92 -12.53 23.56
C LEU A 33 -1.78 -13.40 24.80
N LEU A 34 -2.85 -14.12 25.12
CA LEU A 34 -2.81 -15.02 26.26
C LEU A 34 -2.29 -16.36 25.74
N LEU A 35 -1.22 -16.86 26.36
CA LEU A 35 -0.65 -18.15 25.98
C LEU A 35 -0.91 -19.09 27.14
N GLN A 36 -1.46 -20.26 26.84
CA GLN A 36 -1.75 -21.27 27.84
C GLN A 36 -1.27 -22.63 27.37
N VAL A 37 -0.50 -23.33 28.21
CA VAL A 37 -0.01 -24.65 27.88
C VAL A 37 -0.71 -25.63 28.82
N ALA A 38 -1.31 -26.67 28.26
CA ALA A 38 -2.00 -27.68 29.06
C ALA A 38 -2.43 -28.87 28.23
N ASP A 39 -2.29 -30.06 28.80
CA ASP A 39 -2.69 -31.30 28.14
C ASP A 39 -2.23 -31.43 26.69
N GLY A 40 -0.93 -31.25 26.46
CA GLY A 40 -0.39 -31.37 25.12
C GLY A 40 -0.85 -30.31 24.13
N THR A 41 -1.41 -29.21 24.63
CA THR A 41 -1.88 -28.15 23.73
C THR A 41 -1.48 -26.74 24.13
N LEU A 42 -1.07 -25.95 23.14
CA LEU A 42 -0.72 -24.55 23.38
C LEU A 42 -1.90 -23.76 22.84
N SER A 43 -2.54 -22.96 23.69
CA SER A 43 -3.66 -22.14 23.26
C SER A 43 -3.23 -20.68 23.18
N LEU A 44 -3.60 -20.00 22.09
CA LEU A 44 -3.27 -18.58 21.92
C LEU A 44 -4.59 -17.82 21.80
N THR A 45 -4.74 -16.75 22.57
CA THR A 45 -5.98 -15.97 22.52
C THR A 45 -5.74 -14.46 22.39
N GLY A 46 -6.50 -13.83 21.50
CA GLY A 46 -6.41 -12.39 21.32
C GLY A 46 -7.81 -11.83 21.48
N THR A 47 -7.93 -10.62 22.03
CA THR A 47 -9.25 -10.03 22.21
C THR A 47 -9.25 -8.52 22.21
N ASP A 48 -10.44 -7.94 22.03
CA ASP A 48 -10.60 -6.49 22.04
C ASP A 48 -11.81 -6.18 22.92
N LEU A 49 -12.18 -7.16 23.76
CA LEU A 49 -13.32 -7.10 24.67
C LEU A 49 -14.67 -7.38 24.01
N GLU A 50 -14.75 -7.17 22.70
CA GLU A 50 -15.98 -7.40 21.94
C GLU A 50 -15.99 -8.80 21.33
N MET A 51 -14.80 -9.27 20.95
CA MET A 51 -14.65 -10.57 20.32
C MET A 51 -13.31 -11.16 20.69
N GLU A 52 -13.13 -12.45 20.45
CA GLU A 52 -11.88 -13.10 20.76
C GLU A 52 -11.58 -14.14 19.69
N MET A 53 -10.29 -14.34 19.44
CA MET A 53 -9.85 -15.33 18.47
C MET A 53 -8.95 -16.27 19.24
N VAL A 54 -9.22 -17.56 19.15
CA VAL A 54 -8.42 -18.55 19.85
C VAL A 54 -7.86 -19.56 18.86
N ALA A 55 -6.60 -19.91 19.06
CA ALA A 55 -5.92 -20.88 18.22
C ALA A 55 -5.37 -21.98 19.12
N ARG A 56 -5.49 -23.22 18.67
CA ARG A 56 -4.99 -24.35 19.43
C ARG A 56 -3.86 -25.00 18.62
N VAL A 57 -2.72 -25.16 19.26
CA VAL A 57 -1.56 -25.74 18.61
C VAL A 57 -1.08 -26.98 19.37
N ALA A 58 -1.11 -28.13 18.71
CA ALA A 58 -0.68 -29.38 19.33
C ALA A 58 0.80 -29.28 19.68
N LEU A 59 1.16 -29.75 20.87
CA LEU A 59 2.55 -29.72 21.30
C LEU A 59 3.14 -31.13 21.27
N VAL A 60 3.89 -31.43 20.22
CA VAL A 60 4.50 -32.75 20.06
C VAL A 60 5.86 -32.88 20.72
N GLN A 61 6.39 -31.76 21.18
CA GLN A 61 7.68 -31.76 21.85
C GLN A 61 7.47 -31.55 23.34
N PRO A 62 8.46 -31.90 24.18
CA PRO A 62 8.33 -31.73 25.62
C PRO A 62 7.85 -30.33 26.00
N HIS A 63 7.06 -30.24 27.07
CA HIS A 63 6.52 -28.96 27.51
C HIS A 63 6.11 -29.01 28.97
N GLU A 64 5.81 -27.84 29.52
CA GLU A 64 5.38 -27.73 30.91
C GLU A 64 4.20 -26.76 30.95
N PRO A 65 3.14 -27.11 31.70
CA PRO A 65 1.92 -26.31 31.85
C PRO A 65 2.12 -24.93 32.47
N GLY A 66 1.19 -24.02 32.16
CA GLY A 66 1.27 -22.67 32.69
C GLY A 66 0.61 -21.70 31.74
N ALA A 67 0.60 -20.41 32.11
CA ALA A 67 -0.01 -19.39 31.27
C ALA A 67 0.57 -18.02 31.55
N THR A 68 0.50 -17.14 30.56
CA THR A 68 1.01 -15.78 30.67
C THR A 68 0.48 -14.99 29.45
N THR A 69 0.78 -13.70 29.39
CA THR A 69 0.39 -12.87 28.26
C THR A 69 1.62 -12.09 27.83
N VAL A 70 1.82 -11.98 26.52
CA VAL A 70 2.96 -11.24 25.97
C VAL A 70 2.52 -10.37 24.79
N PRO A 71 3.28 -9.29 24.50
CA PRO A 71 2.95 -8.39 23.40
C PRO A 71 2.77 -9.19 22.11
N ALA A 72 1.59 -9.07 21.50
CA ALA A 72 1.26 -9.82 20.29
C ALA A 72 2.14 -9.52 19.09
N ARG A 73 2.20 -8.25 18.72
CA ARG A 73 2.99 -7.80 17.58
C ARG A 73 4.46 -8.19 17.66
N LYS A 74 5.09 -7.92 18.81
CA LYS A 74 6.51 -8.26 18.98
C LYS A 74 6.76 -9.76 18.86
N PHE A 75 5.91 -10.57 19.50
CA PHE A 75 6.08 -12.02 19.45
C PHE A 75 5.92 -12.52 18.02
N PHE A 76 4.91 -12.00 17.31
CA PHE A 76 4.70 -12.41 15.93
C PHE A 76 5.91 -12.04 15.06
N ASP A 77 6.36 -10.79 15.17
CA ASP A 77 7.49 -10.35 14.37
C ASP A 77 8.74 -11.18 14.63
N ILE A 78 8.98 -11.53 15.89
CA ILE A 78 10.15 -12.33 16.22
C ILE A 78 10.07 -13.69 15.51
N CYS A 79 8.95 -14.38 15.65
CA CYS A 79 8.77 -15.69 15.03
C CYS A 79 8.84 -15.60 13.51
N ARG A 80 8.21 -14.57 12.95
CA ARG A 80 8.23 -14.38 11.50
C ARG A 80 9.64 -14.05 10.98
N GLY A 81 10.42 -13.35 11.80
CA GLY A 81 11.76 -12.95 11.40
C GLY A 81 12.81 -14.04 11.49
N LEU A 82 12.50 -15.14 12.17
CA LEU A 82 13.42 -16.26 12.30
C LEU A 82 13.43 -17.05 11.00
N PRO A 83 14.51 -17.80 10.72
CA PRO A 83 14.59 -18.56 9.48
C PRO A 83 13.55 -19.69 9.33
N GLU A 84 13.24 -20.00 8.09
CA GLU A 84 12.29 -21.07 7.79
C GLU A 84 12.78 -22.35 8.45
N GLY A 85 11.85 -23.09 9.07
CA GLY A 85 12.22 -24.33 9.72
C GLY A 85 12.75 -24.21 11.13
N ALA A 86 12.92 -22.98 11.61
CA ALA A 86 13.45 -22.75 12.94
C ALA A 86 12.56 -23.34 14.06
N GLU A 87 13.21 -23.83 15.11
CA GLU A 87 12.53 -24.38 16.29
C GLU A 87 12.50 -23.25 17.31
N ILE A 88 11.31 -22.90 17.78
CA ILE A 88 11.16 -21.80 18.72
C ILE A 88 10.87 -22.28 20.14
N ALA A 89 11.89 -22.15 21.00
CA ALA A 89 11.76 -22.55 22.40
C ALA A 89 11.31 -21.35 23.22
N VAL A 90 10.32 -21.58 24.07
CA VAL A 90 9.76 -20.53 24.91
C VAL A 90 9.79 -20.98 26.38
N GLN A 91 10.17 -20.05 27.25
CA GLN A 91 10.27 -20.34 28.67
C GLN A 91 9.84 -19.13 29.49
N LEU A 92 8.81 -19.31 30.31
CA LEU A 92 8.30 -18.25 31.16
C LEU A 92 9.13 -18.09 32.43
N GLU A 93 9.48 -16.84 32.73
CA GLU A 93 10.27 -16.53 33.91
C GLU A 93 9.70 -15.29 34.60
N GLY A 94 8.53 -15.47 35.19
CA GLY A 94 7.87 -14.37 35.91
C GLY A 94 7.47 -13.19 35.05
N GLU A 95 8.08 -12.05 35.32
CA GLU A 95 7.76 -10.83 34.59
C GLU A 95 8.31 -10.79 33.16
N ARG A 96 8.86 -11.89 32.68
CA ARG A 96 9.36 -11.93 31.31
C ARG A 96 9.26 -13.32 30.74
N MET A 97 9.12 -13.40 29.42
CA MET A 97 9.05 -14.68 28.75
C MET A 97 10.22 -14.73 27.79
N LEU A 98 11.06 -15.75 27.95
CA LEU A 98 12.22 -15.90 27.10
C LEU A 98 11.90 -16.72 25.86
N VAL A 99 12.52 -16.33 24.75
CA VAL A 99 12.33 -17.00 23.47
C VAL A 99 13.71 -17.27 22.91
N ARG A 100 13.94 -18.49 22.46
CA ARG A 100 15.24 -18.84 21.91
C ARG A 100 15.12 -19.77 20.71
N SER A 101 15.90 -19.46 19.68
CA SER A 101 15.92 -20.25 18.46
C SER A 101 17.35 -20.10 17.95
N GLY A 102 18.08 -21.22 17.87
CA GLY A 102 19.46 -21.15 17.43
C GLY A 102 20.20 -20.26 18.39
N ARG A 103 20.86 -19.21 17.88
CA ARG A 103 21.54 -18.27 18.76
C ARG A 103 20.86 -16.91 18.71
N SER A 104 19.54 -16.96 18.52
CA SER A 104 18.71 -15.76 18.49
C SER A 104 17.92 -15.84 19.80
N ARG A 105 18.15 -14.88 20.69
CA ARG A 105 17.48 -14.86 21.99
C ARG A 105 16.70 -13.58 22.26
N PHE A 106 15.54 -13.73 22.90
CA PHE A 106 14.68 -12.58 23.21
C PHE A 106 13.99 -12.69 24.58
N SER A 107 13.67 -11.54 25.14
CA SER A 107 13.00 -11.47 26.44
C SER A 107 11.84 -10.48 26.28
N LEU A 108 10.61 -10.96 26.45
CA LEU A 108 9.44 -10.09 26.32
C LEU A 108 8.78 -9.84 27.66
N SER A 109 8.29 -8.61 27.85
CA SER A 109 7.60 -8.23 29.08
C SER A 109 6.24 -8.92 29.11
N THR A 110 5.86 -9.46 30.27
CA THR A 110 4.58 -10.14 30.39
C THR A 110 3.62 -9.39 31.31
N LEU A 111 2.37 -9.86 31.31
CA LEU A 111 1.31 -9.36 32.18
C LEU A 111 0.60 -10.63 32.60
N PRO A 112 0.19 -10.73 33.87
CA PRO A 112 -0.50 -11.91 34.40
C PRO A 112 -1.64 -12.45 33.54
N ALA A 113 -1.67 -13.77 33.38
CA ALA A 113 -2.72 -14.40 32.61
C ALA A 113 -4.08 -14.13 33.27
N ALA A 114 -4.07 -13.97 34.60
CA ALA A 114 -5.30 -13.70 35.33
C ALA A 114 -5.87 -12.34 34.97
N ASP A 115 -5.03 -11.44 34.46
CA ASP A 115 -5.47 -10.10 34.06
C ASP A 115 -6.14 -10.09 32.68
N PHE A 116 -5.91 -11.14 31.90
CA PHE A 116 -6.49 -11.21 30.56
C PHE A 116 -8.01 -11.26 30.58
N PRO A 117 -8.66 -10.31 29.90
CA PRO A 117 -10.12 -10.23 29.83
C PRO A 117 -10.74 -11.25 28.88
N ASN A 118 -11.59 -12.13 29.41
CA ASN A 118 -12.24 -13.13 28.58
C ASN A 118 -13.76 -12.88 28.57
N LEU A 119 -14.40 -13.27 27.48
CA LEU A 119 -15.84 -13.12 27.35
C LEU A 119 -16.54 -14.02 28.35
N ASP A 120 -17.72 -13.63 28.79
CA ASP A 120 -18.47 -14.44 29.75
C ASP A 120 -19.01 -15.68 29.06
N ASP A 121 -19.18 -16.75 29.83
CA ASP A 121 -19.70 -18.00 29.28
C ASP A 121 -21.14 -17.81 28.81
N TRP A 122 -21.54 -18.60 27.82
CA TRP A 122 -22.90 -18.51 27.27
C TRP A 122 -23.33 -19.88 26.75
N GLN A 123 -24.59 -19.97 26.31
CA GLN A 123 -25.12 -21.23 25.80
C GLN A 123 -25.59 -21.07 24.35
N SER A 124 -25.26 -22.05 23.51
CA SER A 124 -25.66 -22.01 22.11
C SER A 124 -27.12 -22.42 21.95
N GLU A 125 -27.82 -21.73 21.05
CA GLU A 125 -29.24 -22.03 20.80
C GLU A 125 -29.43 -22.55 19.39
N VAL A 126 -28.47 -22.26 18.51
CA VAL A 126 -28.54 -22.71 17.14
C VAL A 126 -27.18 -23.22 16.71
N GLU A 127 -27.15 -24.27 15.90
CA GLU A 127 -25.90 -24.83 15.42
C GLU A 127 -26.03 -25.45 14.05
N PHE A 128 -25.05 -25.19 13.19
CA PHE A 128 -25.04 -25.74 11.85
C PHE A 128 -23.62 -25.71 11.29
N THR A 129 -23.41 -26.45 10.21
CA THR A 129 -22.09 -26.51 9.60
C THR A 129 -22.19 -26.28 8.10
N LEU A 130 -21.12 -25.76 7.52
CA LEU A 130 -21.10 -25.48 6.09
C LEU A 130 -19.67 -25.31 5.60
N PRO A 131 -19.46 -25.33 4.28
CA PRO A 131 -18.11 -25.17 3.75
C PRO A 131 -17.67 -23.72 3.95
N GLN A 132 -16.39 -23.53 4.28
CA GLN A 132 -15.87 -22.18 4.48
C GLN A 132 -16.14 -21.32 3.25
N ALA A 133 -16.03 -21.91 2.08
CA ALA A 133 -16.25 -21.19 0.83
C ALA A 133 -17.63 -20.54 0.77
N THR A 134 -18.64 -21.20 1.33
CA THR A 134 -19.99 -20.69 1.35
C THR A 134 -20.13 -19.47 2.27
N MET A 135 -19.60 -19.58 3.48
CA MET A 135 -19.65 -18.50 4.45
C MET A 135 -18.87 -17.31 3.88
N LYS A 136 -17.75 -17.62 3.24
CA LYS A 136 -16.92 -16.58 2.63
C LYS A 136 -17.69 -15.84 1.54
N ARG A 137 -18.44 -16.58 0.73
CA ARG A 137 -19.22 -15.97 -0.35
C ARG A 137 -20.32 -15.08 0.23
N LEU A 138 -21.04 -15.59 1.22
CA LEU A 138 -22.11 -14.84 1.87
C LEU A 138 -21.61 -13.50 2.42
N ILE A 139 -20.42 -13.53 3.02
CA ILE A 139 -19.85 -12.31 3.61
C ILE A 139 -19.31 -11.35 2.56
N GLU A 140 -18.47 -11.84 1.65
CA GLU A 140 -17.90 -10.99 0.61
C GLU A 140 -18.95 -10.35 -0.29
N ALA A 141 -20.06 -11.05 -0.50
CA ALA A 141 -21.12 -10.53 -1.35
C ALA A 141 -21.87 -9.35 -0.75
N THR A 142 -21.81 -9.18 0.57
CA THR A 142 -22.56 -8.11 1.20
C THR A 142 -21.83 -7.15 2.16
N GLN A 143 -20.65 -7.54 2.64
CA GLN A 143 -19.94 -6.71 3.60
C GLN A 143 -19.71 -5.25 3.27
N PHE A 144 -19.49 -4.91 2.00
CA PHE A 144 -19.25 -3.53 1.63
C PHE A 144 -20.45 -2.60 1.87
N SER A 145 -21.64 -3.17 2.10
CA SER A 145 -22.81 -2.34 2.32
C SER A 145 -23.12 -2.04 3.79
N MET A 146 -22.29 -2.55 4.69
CA MET A 146 -22.48 -2.30 6.12
C MET A 146 -22.17 -0.84 6.43
N ALA A 147 -22.86 -0.27 7.41
CA ALA A 147 -22.59 1.11 7.80
C ALA A 147 -21.30 1.05 8.60
N HIS A 148 -20.64 2.18 8.79
CA HIS A 148 -19.39 2.21 9.54
C HIS A 148 -19.53 2.73 10.97
N GLN A 149 -20.03 3.95 11.14
CA GLN A 149 -20.19 4.52 12.47
C GLN A 149 -21.54 5.21 12.62
N ASP A 150 -22.59 4.55 12.12
CA ASP A 150 -23.93 5.09 12.17
C ASP A 150 -24.50 5.07 13.60
N VAL A 151 -25.25 6.11 13.96
CA VAL A 151 -25.85 6.19 15.29
C VAL A 151 -26.81 5.01 15.42
N ARG A 152 -27.30 4.53 14.29
CA ARG A 152 -28.18 3.36 14.28
C ARG A 152 -27.22 2.17 14.34
N TYR A 153 -26.85 1.82 15.56
CA TYR A 153 -25.90 0.74 15.86
C TYR A 153 -26.09 -0.57 15.11
N TYR A 154 -27.34 -0.98 14.95
CA TYR A 154 -27.66 -2.23 14.28
C TYR A 154 -27.24 -2.28 12.81
N LEU A 155 -26.86 -1.14 12.25
CA LEU A 155 -26.43 -1.08 10.86
C LEU A 155 -24.92 -1.23 10.73
N ASN A 156 -24.21 -1.13 11.85
CA ASN A 156 -22.75 -1.25 11.87
C ASN A 156 -22.39 -2.73 12.02
N GLY A 157 -22.97 -3.56 11.16
CA GLY A 157 -22.72 -4.97 11.23
C GLY A 157 -23.48 -5.68 10.14
N MET A 158 -23.58 -6.99 10.25
CA MET A 158 -24.26 -7.79 9.25
C MET A 158 -25.27 -8.73 9.87
N LEU A 159 -26.44 -8.83 9.25
CA LEU A 159 -27.48 -9.72 9.73
C LEU A 159 -27.19 -11.11 9.20
N PHE A 160 -27.21 -12.10 10.10
CA PHE A 160 -27.03 -13.50 9.73
C PHE A 160 -28.38 -14.09 10.05
N GLU A 161 -29.05 -14.63 9.03
CA GLU A 161 -30.38 -15.16 9.20
C GLU A 161 -30.52 -16.55 8.62
N THR A 162 -31.08 -17.46 9.43
CA THR A 162 -31.31 -18.83 9.00
C THR A 162 -32.80 -19.05 8.79
N GLU A 163 -33.17 -19.64 7.65
CA GLU A 163 -34.57 -19.92 7.36
C GLU A 163 -34.66 -21.14 6.46
N GLY A 164 -35.43 -22.14 6.89
CA GLY A 164 -35.57 -23.36 6.12
C GLY A 164 -34.21 -24.05 6.06
N GLU A 165 -33.65 -24.14 4.87
CA GLU A 165 -32.33 -24.75 4.69
C GLU A 165 -31.36 -23.72 4.14
N GLU A 166 -31.66 -22.44 4.36
CA GLU A 166 -30.80 -21.37 3.86
C GLU A 166 -30.22 -20.46 4.94
N LEU A 167 -28.99 -19.99 4.67
CA LEU A 167 -28.31 -19.05 5.54
C LEU A 167 -28.24 -17.79 4.69
N ARG A 168 -28.67 -16.67 5.26
CA ARG A 168 -28.68 -15.43 4.52
C ARG A 168 -27.99 -14.31 5.28
N THR A 169 -27.35 -13.42 4.53
CA THR A 169 -26.67 -12.26 5.13
C THR A 169 -27.27 -11.02 4.50
N VAL A 170 -27.39 -9.97 5.32
CA VAL A 170 -27.93 -8.70 4.85
C VAL A 170 -27.10 -7.59 5.46
N ALA A 171 -26.83 -6.56 4.67
CA ALA A 171 -26.06 -5.42 5.12
C ALA A 171 -26.60 -4.15 4.43
N THR A 172 -26.69 -3.06 5.20
CA THR A 172 -27.18 -1.82 4.63
C THR A 172 -26.72 -0.64 5.45
N ASP A 173 -26.60 0.53 4.81
CA ASP A 173 -26.17 1.72 5.50
C ASP A 173 -27.20 2.83 5.32
N GLY A 174 -28.41 2.45 4.94
CA GLY A 174 -29.46 3.43 4.73
C GLY A 174 -29.49 4.00 3.33
N HIS A 175 -28.39 3.87 2.58
CA HIS A 175 -28.35 4.38 1.22
C HIS A 175 -28.36 3.23 0.22
N ARG A 176 -27.73 2.12 0.59
CA ARG A 176 -27.73 0.95 -0.26
C ARG A 176 -27.76 -0.31 0.60
N LEU A 177 -28.20 -1.41 0.01
CA LEU A 177 -28.31 -2.66 0.73
C LEU A 177 -27.83 -3.82 -0.13
N ALA A 178 -27.32 -4.85 0.53
CA ALA A 178 -26.88 -6.04 -0.17
C ALA A 178 -27.44 -7.24 0.60
N VAL A 179 -27.95 -8.22 -0.13
CA VAL A 179 -28.50 -9.41 0.49
C VAL A 179 -28.06 -10.64 -0.31
N CYS A 180 -27.70 -11.69 0.41
CA CYS A 180 -27.27 -12.93 -0.23
C CYS A 180 -27.74 -14.12 0.60
N SER A 181 -28.23 -15.15 -0.07
CA SER A 181 -28.69 -16.36 0.61
C SER A 181 -28.14 -17.59 -0.09
N MET A 182 -27.84 -18.62 0.68
CA MET A 182 -27.29 -19.85 0.13
C MET A 182 -27.85 -21.05 0.86
N PRO A 183 -28.10 -22.16 0.14
CA PRO A 183 -28.64 -23.38 0.75
C PRO A 183 -27.57 -24.05 1.62
N ILE A 184 -27.99 -24.55 2.78
CA ILE A 184 -27.08 -25.20 3.72
C ILE A 184 -27.18 -26.73 3.71
N GLY A 185 -28.30 -27.26 3.25
CA GLY A 185 -28.46 -28.70 3.19
C GLY A 185 -28.90 -29.34 4.50
N GLN A 186 -29.34 -28.51 5.45
CA GLN A 186 -29.82 -28.98 6.73
C GLN A 186 -30.95 -28.08 7.20
N SER A 187 -31.95 -28.68 7.82
CA SER A 187 -33.11 -27.93 8.28
C SER A 187 -32.75 -27.08 9.49
N LEU A 188 -33.02 -25.79 9.40
CA LEU A 188 -32.73 -24.87 10.49
C LEU A 188 -33.93 -24.04 10.93
N PRO A 189 -33.97 -23.67 12.21
CA PRO A 189 -35.08 -22.86 12.74
C PRO A 189 -34.88 -21.42 12.30
N SER A 190 -35.98 -20.67 12.19
CA SER A 190 -35.88 -19.27 11.79
C SER A 190 -35.21 -18.52 12.93
N HIS A 191 -34.05 -17.95 12.63
CA HIS A 191 -33.30 -17.21 13.63
C HIS A 191 -32.55 -16.06 12.95
N SER A 192 -32.30 -15.00 13.69
CA SER A 192 -31.63 -13.83 13.12
C SER A 192 -30.80 -13.07 14.15
N VAL A 193 -29.53 -12.80 13.81
CA VAL A 193 -28.64 -12.06 14.70
C VAL A 193 -27.79 -11.07 13.90
N ILE A 194 -27.30 -10.03 14.58
CA ILE A 194 -26.46 -9.03 13.94
C ILE A 194 -25.03 -9.17 14.46
N VAL A 195 -24.10 -9.45 13.55
CA VAL A 195 -22.70 -9.57 13.94
C VAL A 195 -22.06 -8.19 13.76
N PRO A 196 -21.32 -7.70 14.77
CA PRO A 196 -20.70 -6.38 14.62
C PRO A 196 -19.74 -6.38 13.43
N ARG A 197 -19.67 -5.26 12.71
CA ARG A 197 -18.83 -5.20 11.53
C ARG A 197 -17.38 -5.65 11.72
N LYS A 198 -16.76 -5.27 12.83
CA LYS A 198 -15.38 -5.70 13.06
C LYS A 198 -15.32 -7.22 13.14
N GLY A 199 -16.36 -7.81 13.73
CA GLY A 199 -16.42 -9.26 13.85
C GLY A 199 -16.65 -9.95 12.51
N VAL A 200 -17.40 -9.29 11.64
CA VAL A 200 -17.69 -9.82 10.30
C VAL A 200 -16.38 -9.94 9.52
N ILE A 201 -15.59 -8.86 9.56
CA ILE A 201 -14.32 -8.83 8.86
C ILE A 201 -13.34 -9.86 9.40
N GLU A 202 -13.28 -10.00 10.71
CA GLU A 202 -12.38 -10.97 11.35
C GLU A 202 -12.79 -12.38 10.91
N LEU A 203 -14.09 -12.62 10.86
CA LEU A 203 -14.60 -13.93 10.45
C LEU A 203 -14.27 -14.19 8.98
N MET A 204 -14.52 -13.19 8.14
CA MET A 204 -14.26 -13.32 6.72
C MET A 204 -12.78 -13.68 6.51
N ARG A 205 -11.91 -13.06 7.32
CA ARG A 205 -10.48 -13.29 7.20
C ARG A 205 -9.92 -14.61 7.74
N MET A 206 -10.72 -15.35 8.51
CA MET A 206 -10.21 -16.63 9.01
C MET A 206 -10.61 -17.76 8.04
N LEU A 207 -11.37 -17.42 7.01
CA LEU A 207 -11.82 -18.39 6.01
C LEU A 207 -10.84 -18.54 4.86
N ASP A 208 -9.90 -19.48 4.99
CA ASP A 208 -8.89 -19.71 3.97
C ASP A 208 -9.23 -20.86 2.99
N GLY A 209 -8.86 -22.08 3.36
CA GLY A 209 -9.13 -23.23 2.51
C GLY A 209 -10.59 -23.62 2.40
N GLY A 210 -11.22 -23.21 1.30
CA GLY A 210 -12.62 -23.51 1.07
C GLY A 210 -13.09 -24.91 1.43
N ASP A 211 -12.18 -25.88 1.37
CA ASP A 211 -12.53 -27.27 1.68
C ASP A 211 -13.08 -27.47 3.08
N ASN A 212 -12.19 -27.51 4.07
CA ASN A 212 -12.56 -27.71 5.46
C ASN A 212 -13.88 -27.05 5.85
N PRO A 213 -14.73 -27.79 6.58
CA PRO A 213 -16.03 -27.29 7.04
C PRO A 213 -15.92 -26.27 8.16
N LEU A 214 -16.97 -25.46 8.29
CA LEU A 214 -17.03 -24.43 9.31
C LEU A 214 -18.21 -24.79 10.22
N ARG A 215 -17.99 -24.68 11.53
CA ARG A 215 -19.05 -24.98 12.49
C ARG A 215 -19.48 -23.68 13.16
N VAL A 216 -20.76 -23.37 13.07
CA VAL A 216 -21.28 -22.15 13.66
C VAL A 216 -22.28 -22.42 14.77
N GLN A 217 -22.09 -21.71 15.89
CA GLN A 217 -22.97 -21.82 17.05
C GLN A 217 -23.47 -20.43 17.35
N ILE A 218 -24.78 -20.27 17.47
CA ILE A 218 -25.35 -18.95 17.77
C ILE A 218 -26.10 -18.98 19.10
N GLY A 219 -25.74 -18.04 19.97
CA GLY A 219 -26.39 -17.94 21.27
C GLY A 219 -27.29 -16.71 21.27
N SER A 220 -27.88 -16.39 22.40
CA SER A 220 -28.74 -15.22 22.47
C SER A 220 -27.95 -13.92 22.32
N ASN A 221 -26.70 -13.93 22.76
CA ASN A 221 -25.89 -12.72 22.69
C ASN A 221 -24.49 -12.92 22.11
N ASN A 222 -24.22 -14.09 21.55
CA ASN A 222 -22.92 -14.37 20.98
C ASN A 222 -23.01 -15.27 19.75
N ILE A 223 -21.97 -15.27 18.95
CA ILE A 223 -21.87 -16.14 17.79
C ILE A 223 -20.47 -16.72 17.84
N ARG A 224 -20.34 -18.00 17.50
CA ARG A 224 -19.03 -18.64 17.52
C ARG A 224 -18.84 -19.42 16.24
N ALA A 225 -17.62 -19.38 15.72
CA ALA A 225 -17.29 -20.08 14.49
C ALA A 225 -16.04 -20.91 14.73
N HIS A 226 -16.12 -22.19 14.40
CA HIS A 226 -15.00 -23.11 14.57
C HIS A 226 -14.43 -23.39 13.18
N VAL A 227 -13.21 -22.93 12.93
CA VAL A 227 -12.56 -23.11 11.65
C VAL A 227 -11.24 -23.84 11.88
N GLY A 228 -11.19 -25.10 11.50
CA GLY A 228 -9.97 -25.87 11.71
C GLY A 228 -9.59 -25.84 13.18
N ASP A 229 -8.43 -25.31 13.50
CA ASP A 229 -7.98 -25.25 14.89
C ASP A 229 -8.13 -23.84 15.46
N PHE A 230 -9.05 -23.08 14.88
CA PHE A 230 -9.33 -21.72 15.32
C PHE A 230 -10.78 -21.60 15.78
N ILE A 231 -11.00 -20.82 16.83
CA ILE A 231 -12.34 -20.61 17.35
C ILE A 231 -12.57 -19.11 17.54
N PHE A 232 -13.50 -18.57 16.77
CA PHE A 232 -13.80 -17.15 16.85
C PHE A 232 -15.12 -16.93 17.55
N THR A 233 -15.14 -16.03 18.53
CA THR A 233 -16.36 -15.73 19.27
C THR A 233 -16.54 -14.22 19.33
N SER A 234 -17.76 -13.77 19.05
CA SER A 234 -18.04 -12.35 19.09
C SER A 234 -19.38 -12.09 19.76
N LYS A 235 -19.49 -10.93 20.39
CA LYS A 235 -20.75 -10.52 21.00
C LYS A 235 -21.60 -10.14 19.81
N LEU A 236 -22.91 -10.02 20.01
CA LEU A 236 -23.83 -9.65 18.95
C LEU A 236 -24.29 -8.21 19.13
N VAL A 237 -24.86 -7.63 18.08
CA VAL A 237 -25.36 -6.25 18.14
C VAL A 237 -26.85 -6.31 18.41
N ASP A 238 -27.32 -5.44 19.31
CA ASP A 238 -28.74 -5.39 19.65
C ASP A 238 -29.48 -4.48 18.68
N GLY A 239 -30.79 -4.63 18.63
CA GLY A 239 -31.58 -3.79 17.74
C GLY A 239 -32.33 -4.55 16.68
N ARG A 240 -33.32 -3.89 16.08
CA ARG A 240 -34.13 -4.52 15.05
C ARG A 240 -33.54 -4.22 13.67
N PHE A 241 -32.96 -5.23 13.04
CA PHE A 241 -32.38 -5.02 11.72
C PHE A 241 -33.54 -4.87 10.74
N PRO A 242 -33.44 -3.91 9.81
CA PRO A 242 -34.51 -3.73 8.82
C PRO A 242 -34.76 -4.95 7.94
N ASP A 243 -35.97 -5.01 7.36
CA ASP A 243 -36.39 -6.11 6.51
C ASP A 243 -36.06 -5.78 5.05
N TYR A 244 -35.08 -6.47 4.48
CA TYR A 244 -34.66 -6.22 3.11
C TYR A 244 -35.80 -6.33 2.10
N ARG A 245 -36.77 -7.19 2.38
CA ARG A 245 -37.90 -7.37 1.47
C ARG A 245 -38.67 -6.06 1.25
N ARG A 246 -38.60 -5.17 2.23
CA ARG A 246 -39.32 -3.89 2.15
C ARG A 246 -38.67 -2.81 1.29
N VAL A 247 -37.42 -2.99 0.87
CA VAL A 247 -36.77 -1.99 0.03
C VAL A 247 -36.67 -2.47 -1.41
N LEU A 248 -36.95 -3.75 -1.63
CA LEU A 248 -36.91 -4.29 -2.98
C LEU A 248 -38.03 -3.63 -3.77
N PRO A 249 -37.70 -3.05 -4.94
CA PRO A 249 -38.72 -2.39 -5.74
C PRO A 249 -39.92 -3.30 -6.02
N LYS A 250 -41.12 -2.73 -5.97
CA LYS A 250 -42.32 -3.50 -6.22
C LYS A 250 -42.88 -3.15 -7.60
N ASN A 251 -43.21 -4.19 -8.36
CA ASN A 251 -43.75 -4.02 -9.71
C ASN A 251 -42.87 -3.12 -10.56
N PRO A 252 -41.56 -3.37 -10.59
CA PRO A 252 -40.69 -2.52 -11.41
C PRO A 252 -41.17 -2.57 -12.87
N ASP A 253 -41.35 -1.38 -13.46
CA ASP A 253 -41.82 -1.25 -14.83
C ASP A 253 -40.70 -0.96 -15.81
N LYS A 254 -39.46 -0.94 -15.31
CA LYS A 254 -38.32 -0.66 -16.16
C LYS A 254 -37.24 -1.69 -15.90
N HIS A 255 -36.74 -2.30 -16.97
CA HIS A 255 -35.73 -3.33 -16.86
C HIS A 255 -34.57 -3.08 -17.80
N LEU A 256 -33.35 -3.21 -17.28
CA LEU A 256 -32.15 -2.99 -18.07
C LEU A 256 -31.17 -4.13 -17.84
N GLU A 257 -30.50 -4.55 -18.90
CA GLU A 257 -29.52 -5.61 -18.81
C GLU A 257 -28.35 -5.18 -19.69
N ALA A 258 -27.12 -5.41 -19.22
CA ALA A 258 -25.93 -5.02 -19.98
C ALA A 258 -24.72 -5.79 -19.50
N GLY A 259 -23.66 -5.77 -20.31
CA GLY A 259 -22.45 -6.46 -19.92
C GLY A 259 -21.91 -5.78 -18.67
N CYS A 260 -21.51 -6.57 -17.68
CA CYS A 260 -21.00 -5.99 -16.44
C CYS A 260 -19.71 -5.19 -16.62
N ASP A 261 -18.77 -5.73 -17.38
CA ASP A 261 -17.50 -5.04 -17.60
C ASP A 261 -17.68 -3.69 -18.30
N LEU A 262 -18.45 -3.67 -19.38
CA LEU A 262 -18.67 -2.42 -20.10
C LEU A 262 -19.34 -1.39 -19.20
N LEU A 263 -20.33 -1.83 -18.43
CA LEU A 263 -21.03 -0.93 -17.52
C LEU A 263 -20.08 -0.36 -16.48
N LYS A 264 -19.33 -1.25 -15.84
CA LYS A 264 -18.39 -0.86 -14.80
C LYS A 264 -17.36 0.14 -15.32
N GLN A 265 -16.74 -0.16 -16.46
CA GLN A 265 -15.74 0.72 -17.02
C GLN A 265 -16.30 2.08 -17.42
N ALA A 266 -17.54 2.09 -17.90
CA ALA A 266 -18.18 3.35 -18.29
C ALA A 266 -18.42 4.20 -17.04
N PHE A 267 -18.92 3.58 -15.97
CA PHE A 267 -19.15 4.31 -14.75
C PHE A 267 -17.83 4.80 -14.16
N ALA A 268 -16.80 3.96 -14.26
CA ALA A 268 -15.48 4.30 -13.75
C ALA A 268 -14.90 5.54 -14.44
N ARG A 269 -15.03 5.62 -15.77
CA ARG A 269 -14.50 6.78 -16.49
C ARG A 269 -15.31 8.03 -16.20
N ALA A 270 -16.63 7.89 -16.16
CA ALA A 270 -17.51 9.02 -15.88
C ALA A 270 -17.20 9.58 -14.49
N ALA A 271 -16.96 8.68 -13.54
CA ALA A 271 -16.66 9.08 -12.15
C ALA A 271 -15.52 10.09 -12.06
N ILE A 272 -14.59 10.01 -13.01
CA ILE A 272 -13.43 10.91 -13.02
C ILE A 272 -13.82 12.38 -13.00
N LEU A 273 -14.93 12.71 -13.66
CA LEU A 273 -15.36 14.10 -13.70
C LEU A 273 -16.61 14.37 -12.87
N SER A 274 -16.87 13.50 -11.90
CA SER A 274 -18.01 13.67 -11.00
C SER A 274 -17.50 14.48 -9.81
N ASN A 275 -18.42 15.06 -9.05
CA ASN A 275 -18.05 15.84 -7.88
C ASN A 275 -17.26 14.95 -6.93
N GLU A 276 -16.06 15.38 -6.57
CA GLU A 276 -15.20 14.61 -5.68
C GLU A 276 -15.83 14.23 -4.34
N LYS A 277 -16.76 15.05 -3.86
CA LYS A 277 -17.42 14.79 -2.59
C LYS A 277 -18.75 14.05 -2.71
N PHE A 278 -19.61 14.51 -3.61
CA PHE A 278 -20.93 13.90 -3.78
C PHE A 278 -21.00 12.75 -4.80
N ARG A 279 -20.02 12.70 -5.70
CA ARG A 279 -19.92 11.62 -6.68
C ARG A 279 -21.17 11.33 -7.51
N GLY A 280 -21.95 12.34 -7.81
CA GLY A 280 -23.16 12.11 -8.57
C GLY A 280 -22.99 11.95 -10.07
N VAL A 281 -23.71 10.98 -10.64
CA VAL A 281 -23.70 10.76 -12.08
C VAL A 281 -25.16 10.60 -12.48
N ARG A 282 -25.47 10.88 -13.74
CA ARG A 282 -26.84 10.75 -14.21
C ARG A 282 -26.94 9.64 -15.25
N LEU A 283 -28.03 8.88 -15.16
CA LEU A 283 -28.29 7.80 -16.09
C LEU A 283 -29.52 8.15 -16.91
N TYR A 284 -29.41 8.05 -18.23
CA TYR A 284 -30.53 8.31 -19.11
C TYR A 284 -30.82 7.01 -19.83
N VAL A 285 -31.99 6.43 -19.56
CA VAL A 285 -32.34 5.18 -20.21
C VAL A 285 -33.37 5.41 -21.32
N SER A 286 -33.14 4.78 -22.45
CA SER A 286 -34.04 4.88 -23.60
C SER A 286 -33.89 3.60 -24.41
N GLU A 287 -34.72 3.47 -25.44
CA GLU A 287 -34.70 2.32 -26.33
C GLU A 287 -33.32 1.71 -26.51
N ASN A 288 -33.09 0.57 -25.86
CA ASN A 288 -31.82 -0.17 -25.90
C ASN A 288 -30.56 0.68 -25.83
N GLN A 289 -30.61 1.76 -25.05
CA GLN A 289 -29.45 2.63 -24.88
C GLN A 289 -29.38 3.20 -23.47
N LEU A 290 -28.15 3.38 -23.00
CA LEU A 290 -27.89 3.95 -21.68
C LEU A 290 -26.85 5.03 -21.87
N LYS A 291 -27.14 6.22 -21.34
CA LYS A 291 -26.20 7.32 -21.42
C LYS A 291 -25.88 7.71 -19.99
N ILE A 292 -24.59 7.75 -19.67
CA ILE A 292 -24.14 8.10 -18.33
C ILE A 292 -23.40 9.42 -18.42
N THR A 293 -23.79 10.38 -17.61
CA THR A 293 -23.14 11.67 -17.62
C THR A 293 -22.69 12.07 -16.22
N ALA A 294 -21.67 12.93 -16.18
CA ALA A 294 -21.15 13.41 -14.91
C ALA A 294 -20.56 14.80 -15.13
N ASN A 295 -20.70 15.66 -14.13
CA ASN A 295 -20.12 16.99 -14.21
C ASN A 295 -19.67 17.35 -12.79
N ASN A 296 -18.68 18.24 -12.72
CA ASN A 296 -18.14 18.67 -11.44
C ASN A 296 -18.22 20.18 -11.32
N PRO A 297 -17.76 20.74 -10.19
CA PRO A 297 -17.80 22.21 -10.02
C PRO A 297 -17.02 23.01 -11.06
N GLU A 298 -16.00 22.41 -11.66
CA GLU A 298 -15.20 23.10 -12.68
C GLU A 298 -15.92 23.10 -14.03
N GLN A 299 -17.16 22.61 -14.05
CA GLN A 299 -17.96 22.55 -15.27
C GLN A 299 -17.42 21.55 -16.29
N GLU A 300 -16.62 20.60 -15.80
CA GLU A 300 -16.09 19.57 -16.69
C GLU A 300 -17.19 18.52 -16.80
N GLU A 301 -17.23 17.81 -17.93
CA GLU A 301 -18.26 16.81 -18.16
C GLU A 301 -17.76 15.53 -18.81
N ALA A 302 -18.41 14.42 -18.48
CA ALA A 302 -18.10 13.13 -19.05
C ALA A 302 -19.43 12.56 -19.56
N GLU A 303 -19.36 11.81 -20.65
CA GLU A 303 -20.57 11.20 -21.21
C GLU A 303 -20.19 9.86 -21.81
N GLU A 304 -20.92 8.83 -21.44
CA GLU A 304 -20.68 7.48 -21.94
C GLU A 304 -21.98 6.94 -22.51
N ILE A 305 -21.93 6.42 -23.73
CA ILE A 305 -23.13 5.81 -24.33
C ILE A 305 -22.83 4.33 -24.54
N LEU A 306 -23.76 3.49 -24.09
CA LEU A 306 -23.62 2.03 -24.20
C LEU A 306 -24.86 1.41 -24.83
N ASP A 307 -24.65 0.32 -25.55
CA ASP A 307 -25.76 -0.42 -26.13
C ASP A 307 -26.19 -1.31 -24.97
N VAL A 308 -27.48 -1.36 -24.70
CA VAL A 308 -27.98 -2.18 -23.62
C VAL A 308 -29.34 -2.71 -24.05
N THR A 309 -29.90 -3.61 -23.26
CA THR A 309 -31.24 -4.12 -23.55
C THR A 309 -32.11 -3.37 -22.56
N TYR A 310 -32.93 -2.46 -23.06
CA TYR A 310 -33.79 -1.69 -22.18
C TYR A 310 -35.22 -1.61 -22.66
N SER A 311 -36.14 -1.86 -21.72
CA SER A 311 -37.57 -1.81 -21.99
C SER A 311 -38.21 -0.94 -20.92
N GLY A 312 -39.09 -0.04 -21.33
CA GLY A 312 -39.76 0.84 -20.40
C GLY A 312 -39.72 2.27 -20.90
N ALA A 313 -40.34 3.18 -20.17
CA ALA A 313 -40.37 4.59 -20.55
C ALA A 313 -38.99 5.20 -20.38
N GLU A 314 -38.69 6.23 -21.16
CA GLU A 314 -37.39 6.88 -21.06
C GLU A 314 -37.38 7.60 -19.72
N MET A 315 -36.22 7.65 -19.09
CA MET A 315 -36.12 8.30 -17.79
C MET A 315 -34.69 8.67 -17.42
N GLU A 316 -34.57 9.64 -16.52
CA GLU A 316 -33.28 10.10 -16.03
C GLU A 316 -33.27 9.78 -14.53
N ILE A 317 -32.17 9.25 -14.04
CA ILE A 317 -32.06 8.91 -12.63
C ILE A 317 -30.62 9.09 -12.18
N GLY A 318 -30.44 9.70 -11.02
CA GLY A 318 -29.10 9.95 -10.51
C GLY A 318 -28.65 8.96 -9.45
N PHE A 319 -27.34 8.77 -9.38
CA PHE A 319 -26.76 7.86 -8.40
C PHE A 319 -25.38 8.30 -7.94
N ASN A 320 -25.01 7.84 -6.75
CA ASN A 320 -23.70 8.08 -6.19
C ASN A 320 -22.95 7.00 -6.96
N VAL A 321 -22.05 7.40 -7.84
CA VAL A 321 -21.31 6.44 -8.65
C VAL A 321 -20.50 5.41 -7.85
N SER A 322 -20.03 5.78 -6.66
CA SER A 322 -19.28 4.84 -5.82
C SER A 322 -20.15 3.67 -5.37
N TYR A 323 -21.42 3.97 -5.08
CA TYR A 323 -22.33 2.91 -4.66
C TYR A 323 -22.59 1.95 -5.83
N VAL A 324 -22.69 2.49 -7.03
CA VAL A 324 -22.94 1.66 -8.21
C VAL A 324 -21.71 0.80 -8.47
N LEU A 325 -20.54 1.43 -8.46
CA LEU A 325 -19.30 0.68 -8.70
C LEU A 325 -19.09 -0.40 -7.65
N ASP A 326 -19.45 -0.13 -6.39
CA ASP A 326 -19.29 -1.14 -5.33
C ASP A 326 -20.05 -2.40 -5.72
N VAL A 327 -21.28 -2.22 -6.19
CA VAL A 327 -22.10 -3.35 -6.60
C VAL A 327 -21.47 -4.07 -7.79
N LEU A 328 -21.14 -3.32 -8.83
CA LEU A 328 -20.54 -3.92 -10.01
C LEU A 328 -19.25 -4.68 -9.70
N ASN A 329 -18.44 -4.14 -8.80
CA ASN A 329 -17.19 -4.80 -8.40
C ASN A 329 -17.46 -6.05 -7.57
N ALA A 330 -18.57 -6.07 -6.83
CA ALA A 330 -18.92 -7.23 -6.03
C ALA A 330 -19.51 -8.31 -6.93
N LEU A 331 -20.11 -7.88 -8.04
CA LEU A 331 -20.70 -8.80 -9.00
C LEU A 331 -19.63 -9.08 -10.06
N LYS A 332 -18.88 -10.15 -9.86
CA LYS A 332 -17.84 -10.54 -10.80
C LYS A 332 -18.53 -11.49 -11.78
N CYS A 333 -19.39 -10.94 -12.62
CA CYS A 333 -20.13 -11.76 -13.57
C CYS A 333 -20.16 -11.16 -14.96
N GLU A 334 -20.77 -11.88 -15.90
CA GLU A 334 -20.85 -11.44 -17.29
C GLU A 334 -21.86 -10.33 -17.54
N ASN A 335 -23.12 -10.57 -17.17
CA ASN A 335 -24.17 -9.58 -17.40
C ASN A 335 -24.87 -9.15 -16.12
N VAL A 336 -25.35 -7.92 -16.10
CA VAL A 336 -26.05 -7.40 -14.95
C VAL A 336 -27.45 -6.94 -15.32
N ARG A 337 -28.38 -7.10 -14.40
CA ARG A 337 -29.76 -6.71 -14.60
C ARG A 337 -30.11 -5.64 -13.57
N MET A 338 -30.87 -4.64 -14.00
CA MET A 338 -31.31 -3.56 -13.12
C MET A 338 -32.82 -3.42 -13.27
N MET A 339 -33.52 -3.32 -12.13
CA MET A 339 -34.96 -3.15 -12.14
C MET A 339 -35.27 -1.83 -11.46
N LEU A 340 -36.00 -0.97 -12.16
CA LEU A 340 -36.33 0.35 -11.64
C LEU A 340 -37.82 0.66 -11.74
N THR A 341 -38.21 1.77 -11.12
CA THR A 341 -39.57 2.27 -11.17
C THR A 341 -39.46 3.76 -11.51
N ASP A 342 -39.36 4.62 -10.51
CA ASP A 342 -39.24 6.05 -10.77
C ASP A 342 -37.86 6.62 -10.42
N SER A 343 -37.67 7.91 -10.70
CA SER A 343 -36.41 8.60 -10.47
C SER A 343 -35.89 8.72 -9.04
N VAL A 344 -36.75 8.48 -8.06
CA VAL A 344 -36.32 8.62 -6.67
C VAL A 344 -36.57 7.36 -5.86
N SER A 345 -36.84 6.26 -6.55
CA SER A 345 -37.10 5.00 -5.87
C SER A 345 -35.96 4.00 -6.03
N SER A 346 -35.96 3.01 -5.15
CA SER A 346 -34.95 1.96 -5.12
C SER A 346 -34.72 1.32 -6.48
N VAL A 347 -33.47 0.98 -6.75
CA VAL A 347 -33.12 0.30 -7.97
C VAL A 347 -32.46 -0.98 -7.50
N GLN A 348 -32.92 -2.11 -8.05
CA GLN A 348 -32.37 -3.40 -7.70
C GLN A 348 -31.42 -3.84 -8.80
N ILE A 349 -30.25 -4.31 -8.39
CA ILE A 349 -29.21 -4.74 -9.30
C ILE A 349 -28.77 -6.16 -8.93
N GLU A 350 -28.59 -7.00 -9.95
CA GLU A 350 -28.14 -8.36 -9.70
C GLU A 350 -27.48 -8.96 -10.92
N ASP A 351 -26.81 -10.09 -10.70
CA ASP A 351 -26.15 -10.85 -11.74
C ASP A 351 -27.33 -11.33 -12.60
N ALA A 352 -27.28 -11.09 -13.90
CA ALA A 352 -28.37 -11.52 -14.77
C ALA A 352 -28.53 -13.04 -14.74
N ALA A 353 -27.48 -13.73 -14.34
CA ALA A 353 -27.51 -15.20 -14.30
C ALA A 353 -27.61 -15.82 -12.91
N SER A 354 -28.00 -15.03 -11.91
CA SER A 354 -28.16 -15.58 -10.57
C SER A 354 -28.92 -14.68 -9.61
N GLN A 355 -29.86 -15.26 -8.88
CA GLN A 355 -30.66 -14.52 -7.92
C GLN A 355 -30.21 -14.76 -6.46
N SER A 356 -29.08 -15.43 -6.27
CA SER A 356 -28.59 -15.70 -4.92
C SER A 356 -28.25 -14.43 -4.15
N ALA A 357 -27.85 -13.40 -4.89
CA ALA A 357 -27.52 -12.12 -4.27
C ALA A 357 -28.28 -11.01 -4.97
N ALA A 358 -28.67 -9.99 -4.21
CA ALA A 358 -29.41 -8.87 -4.77
C ALA A 358 -28.92 -7.59 -4.11
N TYR A 359 -28.88 -6.51 -4.88
CA TYR A 359 -28.42 -5.24 -4.35
C TYR A 359 -29.45 -4.14 -4.62
N VAL A 360 -29.64 -3.28 -3.64
CA VAL A 360 -30.56 -2.16 -3.78
C VAL A 360 -29.79 -0.88 -3.53
N VAL A 361 -29.95 0.08 -4.43
CA VAL A 361 -29.27 1.35 -4.30
C VAL A 361 -30.27 2.47 -4.43
N MET A 362 -30.31 3.37 -3.46
CA MET A 362 -31.23 4.50 -3.53
C MET A 362 -30.56 5.58 -4.36
N PRO A 363 -31.32 6.19 -5.28
CA PRO A 363 -30.77 7.24 -6.14
C PRO A 363 -30.51 8.56 -5.45
N MET A 364 -29.97 9.49 -6.23
CA MET A 364 -29.67 10.85 -5.79
C MET A 364 -30.61 11.74 -6.60
N ARG A 365 -31.05 12.83 -6.01
CA ARG A 365 -31.93 13.76 -6.70
C ARG A 365 -31.09 14.71 -7.53
N LEU A 366 -31.09 14.49 -8.84
CA LEU A 366 -30.35 15.32 -9.79
C LEU A 366 -30.39 14.70 -11.17
N MET B 1 -6.00 23.44 -31.92
CA MET B 1 -5.14 22.25 -31.68
C MET B 1 -6.00 20.99 -31.74
N LYS B 2 -5.51 19.98 -32.45
CA LYS B 2 -6.26 18.74 -32.59
C LYS B 2 -5.31 17.60 -32.91
N PHE B 3 -5.58 16.44 -32.33
CA PHE B 3 -4.79 15.25 -32.59
C PHE B 3 -5.55 13.99 -32.21
N THR B 4 -5.12 12.86 -32.75
CA THR B 4 -5.71 11.57 -32.46
C THR B 4 -4.56 10.59 -32.35
N VAL B 5 -4.41 9.99 -31.18
CA VAL B 5 -3.34 9.04 -30.92
C VAL B 5 -3.84 7.79 -30.20
N GLU B 6 -3.17 6.67 -30.45
CA GLU B 6 -3.55 5.43 -29.78
C GLU B 6 -3.26 5.56 -28.30
N ARG B 7 -4.13 4.96 -27.48
CA ARG B 7 -4.00 4.98 -26.03
C ARG B 7 -2.63 4.50 -25.57
N GLU B 8 -2.16 3.40 -26.15
CA GLU B 8 -0.88 2.83 -25.79
C GLU B 8 0.34 3.71 -26.05
N HIS B 9 0.17 4.74 -26.88
CA HIS B 9 1.26 5.65 -27.20
C HIS B 9 1.20 6.88 -26.31
N LEU B 10 0.10 7.02 -25.57
CA LEU B 10 -0.10 8.18 -24.71
C LEU B 10 0.01 7.89 -23.22
N LEU B 11 -0.22 6.64 -22.82
CA LEU B 11 -0.16 6.25 -21.41
C LEU B 11 1.14 6.50 -20.66
N LYS B 12 2.25 5.99 -21.18
CA LYS B 12 3.53 6.19 -20.50
C LYS B 12 3.92 7.67 -20.50
N PRO B 13 3.79 8.35 -21.65
CA PRO B 13 4.15 9.77 -21.65
C PRO B 13 3.39 10.55 -20.56
N LEU B 14 2.08 10.34 -20.49
CA LEU B 14 1.26 11.03 -19.50
C LEU B 14 1.67 10.69 -18.07
N GLN B 15 1.99 9.43 -17.84
CA GLN B 15 2.42 8.99 -16.51
C GLN B 15 3.75 9.63 -16.12
N GLN B 16 4.68 9.66 -17.06
CA GLN B 16 6.01 10.22 -16.80
C GLN B 16 6.03 11.73 -16.58
N VAL B 17 5.31 12.49 -17.41
CA VAL B 17 5.32 13.94 -17.26
C VAL B 17 4.57 14.41 -16.03
N SER B 18 3.69 13.57 -15.50
CA SER B 18 2.93 13.93 -14.31
C SER B 18 3.80 13.74 -13.06
N GLY B 19 4.97 13.13 -13.24
CA GLY B 19 5.89 12.88 -12.14
C GLY B 19 6.18 14.04 -11.21
N PRO B 20 6.67 15.18 -11.72
CA PRO B 20 6.97 16.32 -10.84
C PRO B 20 5.77 17.00 -10.17
N LEU B 21 4.57 16.62 -10.57
CA LEU B 21 3.37 17.21 -9.97
C LEU B 21 3.12 16.68 -8.57
N GLY B 22 2.94 17.59 -7.62
CA GLY B 22 2.70 17.18 -6.25
C GLY B 22 1.39 16.45 -6.07
N GLY B 23 0.45 16.67 -6.99
CA GLY B 23 -0.84 16.02 -6.90
C GLY B 23 -1.81 16.84 -6.07
N ARG B 24 -1.31 17.94 -5.52
CA ARG B 24 -2.11 18.83 -4.69
C ARG B 24 -1.35 20.14 -4.42
N PRO B 25 -0.70 20.70 -5.46
CA PRO B 25 0.05 21.96 -5.31
C PRO B 25 -0.82 23.15 -4.97
N THR B 26 -0.19 24.25 -4.56
CA THR B 26 -0.91 25.47 -4.22
C THR B 26 -0.94 26.39 -5.42
N LEU B 27 -0.94 25.80 -6.61
CA LEU B 27 -0.97 26.56 -7.85
C LEU B 27 -1.67 25.72 -8.92
N PRO B 28 -2.90 26.10 -9.28
CA PRO B 28 -3.70 25.39 -10.29
C PRO B 28 -2.97 25.00 -11.57
N ILE B 29 -2.24 25.95 -12.14
CA ILE B 29 -1.51 25.69 -13.39
C ILE B 29 -0.46 24.57 -13.24
N LEU B 30 0.13 24.47 -12.04
CA LEU B 30 1.14 23.43 -11.80
C LEU B 30 0.53 22.04 -11.72
N GLY B 31 -0.80 21.99 -11.73
CA GLY B 31 -1.50 20.72 -11.69
C GLY B 31 -1.90 20.31 -13.09
N ASN B 32 -1.53 21.15 -14.07
CA ASN B 32 -1.85 20.88 -15.47
C ASN B 32 -0.62 20.46 -16.25
N LEU B 33 -0.85 19.89 -17.42
CA LEU B 33 0.22 19.49 -18.31
C LEU B 33 0.10 20.38 -19.53
N LEU B 34 1.23 20.85 -20.05
CA LEU B 34 1.22 21.67 -21.25
C LEU B 34 1.22 20.73 -22.44
N LEU B 35 0.24 20.89 -23.33
CA LEU B 35 0.13 20.07 -24.53
C LEU B 35 0.45 20.98 -25.72
N GLN B 36 1.37 20.55 -26.57
CA GLN B 36 1.74 21.33 -27.74
C GLN B 36 1.81 20.48 -28.99
N VAL B 37 1.09 20.89 -30.03
CA VAL B 37 1.11 20.15 -31.29
C VAL B 37 1.81 21.01 -32.34
N ALA B 38 2.85 20.46 -32.96
CA ALA B 38 3.60 21.17 -33.98
C ALA B 38 4.48 20.20 -34.77
N ASP B 39 4.55 20.42 -36.08
CA ASP B 39 5.35 19.59 -36.99
C ASP B 39 5.33 18.08 -36.71
N GLY B 40 4.14 17.49 -36.82
CA GLY B 40 4.03 16.05 -36.60
C GLY B 40 4.39 15.55 -35.20
N THR B 41 4.43 16.44 -34.22
CA THR B 41 4.77 16.03 -32.86
C THR B 41 3.89 16.61 -31.77
N LEU B 42 3.49 15.76 -30.83
CA LEU B 42 2.70 16.18 -29.68
C LEU B 42 3.69 16.25 -28.52
N SER B 43 3.82 17.40 -27.88
CA SER B 43 4.72 17.52 -26.74
C SER B 43 3.93 17.68 -25.46
N LEU B 44 4.30 16.94 -24.42
CA LEU B 44 3.62 17.01 -23.14
C LEU B 44 4.63 17.44 -22.07
N THR B 45 4.29 18.47 -21.31
CA THR B 45 5.21 18.97 -20.28
C THR B 45 4.54 19.13 -18.91
N GLY B 46 5.25 18.66 -17.88
CA GLY B 46 4.77 18.77 -16.51
C GLY B 46 5.88 19.48 -15.73
N THR B 47 5.52 20.30 -14.75
CA THR B 47 6.53 21.01 -13.99
C THR B 47 6.08 21.34 -12.57
N ASP B 48 7.05 21.66 -11.71
CA ASP B 48 6.78 22.03 -10.34
C ASP B 48 7.60 23.28 -10.03
N LEU B 49 8.03 23.94 -11.10
CA LEU B 49 8.83 25.17 -11.06
C LEU B 49 10.34 24.92 -10.89
N GLU B 50 10.71 23.82 -10.24
CA GLU B 50 12.12 23.48 -10.04
C GLU B 50 12.66 22.52 -11.10
N MET B 51 11.77 21.71 -11.66
CA MET B 51 12.16 20.74 -12.67
C MET B 51 10.99 20.52 -13.61
N GLU B 52 11.28 19.99 -14.79
CA GLU B 52 10.25 19.74 -15.78
C GLU B 52 10.52 18.43 -16.48
N MET B 53 9.46 17.77 -16.91
CA MET B 53 9.57 16.50 -17.64
C MET B 53 8.85 16.72 -18.95
N VAL B 54 9.55 16.47 -20.05
CA VAL B 54 8.97 16.66 -21.36
C VAL B 54 8.97 15.34 -22.12
N ALA B 55 7.83 15.02 -22.73
CA ALA B 55 7.68 13.81 -23.51
C ALA B 55 7.26 14.20 -24.92
N ARG B 56 7.84 13.55 -25.92
CA ARG B 56 7.50 13.85 -27.31
C ARG B 56 6.85 12.62 -27.91
N VAL B 57 5.67 12.83 -28.51
CA VAL B 57 4.92 11.75 -29.11
C VAL B 57 4.67 12.04 -30.58
N ALA B 58 5.23 11.19 -31.44
CA ALA B 58 5.06 11.33 -32.88
C ALA B 58 3.59 11.22 -33.21
N LEU B 59 3.12 12.06 -34.12
CA LEU B 59 1.71 12.06 -34.54
C LEU B 59 1.61 11.55 -35.97
N VAL B 60 1.24 10.28 -36.13
CA VAL B 60 1.11 9.68 -37.46
C VAL B 60 -0.27 9.90 -38.07
N GLN B 61 -1.23 10.37 -37.28
CA GLN B 61 -2.57 10.62 -37.78
C GLN B 61 -2.76 12.12 -37.98
N PRO B 62 -3.73 12.52 -38.83
CA PRO B 62 -3.95 13.95 -39.06
C PRO B 62 -4.05 14.73 -37.76
N HIS B 63 -3.55 15.95 -37.78
CA HIS B 63 -3.54 16.81 -36.59
C HIS B 63 -3.48 18.28 -36.98
N GLU B 64 -3.72 19.14 -36.01
CA GLU B 64 -3.67 20.59 -36.23
C GLU B 64 -2.84 21.21 -35.11
N PRO B 65 -1.96 22.17 -35.46
CA PRO B 65 -1.10 22.85 -34.48
C PRO B 65 -1.87 23.67 -33.43
N GLY B 66 -1.21 23.90 -32.30
CA GLY B 66 -1.83 24.66 -31.23
C GLY B 66 -1.28 24.19 -29.88
N ALA B 67 -1.74 24.82 -28.81
CA ALA B 67 -1.30 24.44 -27.47
C ALA B 67 -2.30 24.87 -26.41
N THR B 68 -2.26 24.18 -25.27
CA THR B 68 -3.13 24.45 -24.14
C THR B 68 -2.61 23.66 -22.94
N THR B 69 -3.26 23.81 -21.78
CA THR B 69 -2.86 23.06 -20.60
C THR B 69 -4.14 22.50 -20.00
N VAL B 70 -4.09 21.25 -19.55
CA VAL B 70 -5.24 20.58 -18.94
C VAL B 70 -4.83 19.82 -17.69
N PRO B 71 -5.78 19.54 -16.79
CA PRO B 71 -5.51 18.81 -15.55
C PRO B 71 -4.82 17.48 -15.86
N ALA B 72 -3.61 17.32 -15.32
CA ALA B 72 -2.81 16.12 -15.55
C ALA B 72 -3.44 14.81 -15.09
N ARG B 73 -3.82 14.77 -13.82
CA ARG B 73 -4.42 13.58 -13.22
C ARG B 73 -5.70 13.13 -13.93
N LYS B 74 -6.60 14.07 -14.20
CA LYS B 74 -7.85 13.73 -14.87
C LYS B 74 -7.61 13.20 -16.27
N PHE B 75 -6.74 13.87 -17.03
CA PHE B 75 -6.47 13.44 -18.39
C PHE B 75 -5.83 12.05 -18.40
N PHE B 76 -4.89 11.81 -17.48
CA PHE B 76 -4.26 10.50 -17.42
C PHE B 76 -5.27 9.42 -17.07
N ASP B 77 -6.07 9.67 -16.05
CA ASP B 77 -7.07 8.68 -15.62
C ASP B 77 -8.05 8.36 -16.73
N ILE B 78 -8.44 9.37 -17.49
CA ILE B 78 -9.37 9.15 -18.58
C ILE B 78 -8.74 8.23 -19.61
N CYS B 79 -7.51 8.53 -20.01
CA CYS B 79 -6.81 7.73 -21.01
C CYS B 79 -6.57 6.31 -20.52
N ARG B 80 -6.18 6.14 -19.25
CA ARG B 80 -5.94 4.80 -18.75
C ARG B 80 -7.25 4.02 -18.54
N GLY B 81 -8.34 4.75 -18.34
CA GLY B 81 -9.62 4.10 -18.12
C GLY B 81 -10.28 3.58 -19.40
N LEU B 82 -9.80 4.03 -20.54
CA LEU B 82 -10.34 3.60 -21.83
C LEU B 82 -9.84 2.18 -22.14
N PRO B 83 -10.54 1.45 -23.01
CA PRO B 83 -10.11 0.08 -23.35
C PRO B 83 -8.78 -0.01 -24.10
N GLU B 84 -8.13 -1.16 -23.98
CA GLU B 84 -6.86 -1.39 -24.66
C GLU B 84 -7.07 -1.16 -26.15
N GLY B 85 -6.09 -0.55 -26.80
CA GLY B 85 -6.18 -0.29 -28.23
C GLY B 85 -7.10 0.85 -28.63
N ALA B 86 -7.64 1.59 -27.67
CA ALA B 86 -8.53 2.70 -27.97
C ALA B 86 -7.83 3.86 -28.68
N GLU B 87 -8.55 4.51 -29.59
CA GLU B 87 -8.05 5.66 -30.33
C GLU B 87 -8.58 6.89 -29.59
N ILE B 88 -7.69 7.78 -29.19
CA ILE B 88 -8.09 8.96 -28.44
C ILE B 88 -7.98 10.25 -29.25
N ALA B 89 -9.12 10.82 -29.59
CA ALA B 89 -9.18 12.06 -30.35
C ALA B 89 -9.29 13.23 -29.39
N VAL B 90 -8.51 14.27 -29.63
CA VAL B 90 -8.49 15.44 -28.78
C VAL B 90 -8.70 16.68 -29.66
N GLN B 91 -9.54 17.59 -29.19
CA GLN B 91 -9.84 18.81 -29.92
C GLN B 91 -10.02 19.98 -28.96
N LEU B 92 -9.18 21.00 -29.11
CA LEU B 92 -9.25 22.17 -28.25
C LEU B 92 -10.35 23.12 -28.66
N GLU B 93 -11.12 23.59 -27.66
CA GLU B 93 -12.21 24.51 -27.90
C GLU B 93 -12.26 25.59 -26.83
N GLY B 94 -11.29 26.52 -26.88
CA GLY B 94 -11.25 27.59 -25.90
C GLY B 94 -10.94 27.15 -24.49
N GLU B 95 -11.82 27.48 -23.56
CA GLU B 95 -11.60 27.14 -22.16
C GLU B 95 -11.89 25.68 -21.84
N ARG B 96 -12.02 24.86 -22.88
CA ARG B 96 -12.28 23.44 -22.71
C ARG B 96 -11.56 22.62 -23.77
N MET B 97 -11.11 21.44 -23.40
CA MET B 97 -10.48 20.55 -24.34
C MET B 97 -11.33 19.29 -24.36
N LEU B 98 -11.84 18.95 -25.55
CA LEU B 98 -12.69 17.78 -25.69
C LEU B 98 -11.87 16.54 -26.00
N VAL B 99 -12.32 15.42 -25.47
CA VAL B 99 -11.66 14.13 -25.65
C VAL B 99 -12.73 13.11 -26.02
N ARG B 100 -12.50 12.36 -27.10
CA ARG B 100 -13.46 11.36 -27.53
C ARG B 100 -12.80 10.06 -27.96
N SER B 101 -13.38 8.95 -27.54
CA SER B 101 -12.88 7.63 -27.91
C SER B 101 -14.12 6.74 -27.94
N GLY B 102 -14.44 6.21 -29.11
CA GLY B 102 -15.63 5.39 -29.23
C GLY B 102 -16.80 6.29 -28.86
N ARG B 103 -17.62 5.85 -27.91
CA ARG B 103 -18.72 6.69 -27.48
C ARG B 103 -18.49 7.16 -26.05
N SER B 104 -17.22 7.38 -25.75
CA SER B 104 -16.77 7.90 -24.46
C SER B 104 -16.32 9.33 -24.78
N ARG B 105 -17.00 10.30 -24.18
CA ARG B 105 -16.70 11.71 -24.44
C ARG B 105 -16.40 12.50 -23.15
N PHE B 106 -15.42 13.39 -23.22
CA PHE B 106 -15.02 14.19 -22.06
C PHE B 106 -14.70 15.65 -22.41
N SER B 107 -14.87 16.52 -21.42
CA SER B 107 -14.58 17.95 -21.57
C SER B 107 -13.76 18.39 -20.35
N LEU B 108 -12.51 18.77 -20.57
CA LEU B 108 -11.64 19.20 -19.48
C LEU B 108 -11.41 20.71 -19.51
N SER B 109 -11.37 21.32 -18.33
CA SER B 109 -11.14 22.76 -18.23
C SER B 109 -9.68 23.04 -18.52
N THR B 110 -9.42 24.08 -19.31
CA THR B 110 -8.07 24.44 -19.68
C THR B 110 -7.59 25.74 -19.03
N LEU B 111 -6.29 25.99 -19.17
CA LEU B 111 -5.64 27.21 -18.71
C LEU B 111 -4.69 27.53 -19.86
N PRO B 112 -4.61 28.82 -20.25
CA PRO B 112 -3.75 29.29 -21.34
C PRO B 112 -2.34 28.70 -21.37
N ALA B 113 -1.93 28.25 -22.56
CA ALA B 113 -0.59 27.69 -22.72
C ALA B 113 0.43 28.77 -22.39
N ALA B 114 0.06 30.02 -22.57
CA ALA B 114 0.96 31.13 -22.29
C ALA B 114 1.20 31.27 -20.78
N ASP B 115 0.25 30.78 -19.98
CA ASP B 115 0.38 30.87 -18.52
C ASP B 115 1.30 29.79 -17.94
N PHE B 116 1.62 28.79 -18.73
CA PHE B 116 2.47 27.70 -18.26
C PHE B 116 3.89 28.17 -17.95
N PRO B 117 4.37 27.93 -16.72
CA PRO B 117 5.71 28.33 -16.26
C PRO B 117 6.81 27.43 -16.81
N ASN B 118 7.75 28.01 -17.56
CA ASN B 118 8.86 27.26 -18.13
C ASN B 118 10.18 27.70 -17.51
N LEU B 119 11.11 26.76 -17.33
CA LEU B 119 12.41 27.12 -16.77
C LEU B 119 13.12 28.02 -17.77
N ASP B 120 13.97 28.90 -17.26
CA ASP B 120 14.71 29.82 -18.12
C ASP B 120 15.75 29.06 -18.96
N ASP B 121 16.09 29.62 -20.11
CA ASP B 121 17.07 29.01 -20.99
C ASP B 121 18.45 28.99 -20.35
N TRP B 122 19.27 28.02 -20.74
CA TRP B 122 20.62 27.90 -20.20
C TRP B 122 21.56 27.25 -21.21
N GLN B 123 22.84 27.16 -20.84
CA GLN B 123 23.85 26.59 -21.72
C GLN B 123 24.57 25.40 -21.08
N SER B 124 24.72 24.32 -21.83
CA SER B 124 25.40 23.12 -21.34
C SER B 124 26.92 23.31 -21.34
N GLU B 125 27.57 22.85 -20.27
CA GLU B 125 29.02 22.97 -20.14
C GLU B 125 29.70 21.61 -20.24
N VAL B 126 28.93 20.55 -20.01
CA VAL B 126 29.49 19.21 -20.08
C VAL B 126 28.41 18.20 -20.41
N GLU B 127 28.74 17.22 -21.24
CA GLU B 127 27.77 16.21 -21.59
C GLU B 127 28.42 14.88 -21.94
N PHE B 128 27.73 13.81 -21.54
CA PHE B 128 28.20 12.46 -21.77
C PHE B 128 27.00 11.54 -21.93
N THR B 129 27.26 10.31 -22.36
CA THR B 129 26.21 9.32 -22.55
C THR B 129 26.56 8.06 -21.78
N LEU B 130 25.54 7.30 -21.41
CA LEU B 130 25.77 6.06 -20.68
C LEU B 130 24.50 5.21 -20.67
N PRO B 131 24.63 3.93 -20.35
CA PRO B 131 23.46 3.03 -20.31
C PRO B 131 22.55 3.45 -19.16
N GLN B 132 21.24 3.41 -19.39
CA GLN B 132 20.31 3.77 -18.33
C GLN B 132 20.55 2.92 -17.09
N ALA B 133 20.96 1.67 -17.29
CA ALA B 133 21.21 0.77 -16.18
C ALA B 133 22.33 1.29 -15.28
N THR B 134 23.32 1.94 -15.88
CA THR B 134 24.44 2.47 -15.12
C THR B 134 24.03 3.65 -14.24
N MET B 135 23.25 4.57 -14.81
CA MET B 135 22.78 5.73 -14.07
C MET B 135 21.85 5.24 -12.97
N LYS B 136 21.03 4.25 -13.30
CA LYS B 136 20.08 3.69 -12.35
C LYS B 136 20.79 3.04 -11.16
N ARG B 137 21.90 2.35 -11.42
CA ARG B 137 22.68 1.71 -10.35
C ARG B 137 23.30 2.78 -9.46
N LEU B 138 23.87 3.80 -10.07
CA LEU B 138 24.50 4.90 -9.34
C LEU B 138 23.52 5.57 -8.36
N ILE B 139 22.29 5.80 -8.82
CA ILE B 139 21.29 6.45 -7.98
C ILE B 139 20.73 5.52 -6.91
N GLU B 140 20.31 4.32 -7.30
CA GLU B 140 19.75 3.37 -6.34
C GLU B 140 20.72 3.00 -5.22
N ALA B 141 22.01 3.00 -5.54
CA ALA B 141 23.02 2.65 -4.56
C ALA B 141 23.23 3.70 -3.48
N THR B 142 22.82 4.94 -3.74
CA THR B 142 23.07 6.00 -2.77
C THR B 142 21.89 6.89 -2.35
N GLN B 143 20.81 6.88 -3.13
CA GLN B 143 19.68 7.75 -2.83
C GLN B 143 19.09 7.70 -1.42
N PHE B 144 19.08 6.53 -0.79
CA PHE B 144 18.52 6.43 0.55
C PHE B 144 19.30 7.23 1.60
N SER B 145 20.52 7.65 1.27
CA SER B 145 21.32 8.39 2.24
C SER B 145 21.18 9.91 2.14
N MET B 146 20.36 10.38 1.21
CA MET B 146 20.14 11.82 1.04
C MET B 146 19.37 12.35 2.26
N ALA B 147 19.60 13.61 2.61
CA ALA B 147 18.87 14.22 3.72
C ALA B 147 17.50 14.57 3.16
N HIS B 148 16.54 14.82 4.02
CA HIS B 148 15.19 15.16 3.58
C HIS B 148 14.88 16.64 3.63
N GLN B 149 14.85 17.21 4.83
CA GLN B 149 14.54 18.64 4.97
C GLN B 149 15.56 19.32 5.88
N ASP B 150 16.84 19.04 5.64
CA ASP B 150 17.90 19.62 6.43
C ASP B 150 18.12 21.09 6.11
N VAL B 151 18.42 21.89 7.13
CA VAL B 151 18.68 23.31 6.94
C VAL B 151 19.88 23.45 6.01
N ARG B 152 20.69 22.41 5.97
CA ARG B 152 21.85 22.38 5.08
C ARG B 152 21.30 21.87 3.76
N TYR B 153 20.78 22.80 2.97
CA TYR B 153 20.16 22.54 1.68
C TYR B 153 20.92 21.62 0.75
N TYR B 154 22.23 21.79 0.68
CA TYR B 154 23.08 20.98 -0.19
C TYR B 154 23.03 19.49 0.12
N LEU B 155 22.49 19.12 1.28
CA LEU B 155 22.38 17.71 1.65
C LEU B 155 21.05 17.11 1.19
N ASN B 156 20.10 17.97 0.84
CA ASN B 156 18.79 17.52 0.37
C ASN B 156 18.87 17.21 -1.13
N GLY B 157 19.86 16.41 -1.49
CA GLY B 157 20.06 16.06 -2.89
C GLY B 157 21.20 15.08 -3.02
N MET B 158 21.68 14.92 -4.25
CA MET B 158 22.75 14.00 -4.55
C MET B 158 23.84 14.66 -5.40
N LEU B 159 25.09 14.44 -5.03
CA LEU B 159 26.20 15.01 -5.78
C LEU B 159 26.46 14.11 -6.97
N PHE B 160 26.59 14.72 -8.14
CA PHE B 160 26.91 13.99 -9.37
C PHE B 160 28.27 14.56 -9.73
N GLU B 161 29.27 13.69 -9.76
CA GLU B 161 30.63 14.11 -10.02
C GLU B 161 31.31 13.29 -11.11
N THR B 162 31.87 14.00 -12.09
CA THR B 162 32.59 13.35 -13.18
C THR B 162 34.08 13.55 -12.92
N GLU B 163 34.86 12.50 -13.09
CA GLU B 163 36.31 12.57 -12.88
C GLU B 163 36.98 11.46 -13.68
N GLY B 164 37.85 11.85 -14.61
CA GLY B 164 38.52 10.86 -15.44
C GLY B 164 37.50 10.26 -16.39
N GLU B 165 37.26 8.97 -16.25
CA GLU B 165 36.28 8.30 -17.10
C GLU B 165 35.14 7.79 -16.22
N GLU B 166 35.09 8.26 -14.98
CA GLU B 166 34.06 7.84 -14.04
C GLU B 166 33.03 8.89 -13.67
N LEU B 167 31.83 8.40 -13.34
CA LEU B 167 30.73 9.27 -12.91
C LEU B 167 30.44 8.74 -11.51
N ARG B 168 30.40 9.64 -10.54
CA ARG B 168 30.17 9.24 -9.16
C ARG B 168 29.02 9.99 -8.51
N THR B 169 28.30 9.30 -7.63
CA THR B 169 27.20 9.90 -6.90
C THR B 169 27.52 9.80 -5.42
N VAL B 170 27.17 10.83 -4.67
CA VAL B 170 27.40 10.84 -3.24
C VAL B 170 26.16 11.42 -2.58
N ALA B 171 25.75 10.82 -1.46
CA ALA B 171 24.59 11.28 -0.72
C ALA B 171 24.87 11.10 0.76
N THR B 172 24.46 12.08 1.57
CA THR B 172 24.67 12.00 3.01
C THR B 172 23.71 12.90 3.75
N ASP B 173 23.39 12.53 4.98
CA ASP B 173 22.47 13.32 5.80
C ASP B 173 23.14 13.73 7.10
N GLY B 174 24.46 13.60 7.15
CA GLY B 174 25.17 13.97 8.37
C GLY B 174 25.35 12.80 9.33
N HIS B 175 24.54 11.76 9.18
CA HIS B 175 24.65 10.60 10.05
C HIS B 175 25.24 9.42 9.30
N ARG B 176 24.95 9.35 8.01
CA ARG B 176 25.47 8.28 7.17
C ARG B 176 25.70 8.81 5.77
N LEU B 177 26.55 8.12 5.03
CA LEU B 177 26.88 8.53 3.67
C LEU B 177 26.97 7.30 2.75
N ALA B 178 26.70 7.53 1.48
CA ALA B 178 26.79 6.48 0.48
C ALA B 178 27.49 7.09 -0.72
N VAL B 179 28.40 6.33 -1.31
CA VAL B 179 29.13 6.78 -2.49
C VAL B 179 29.25 5.63 -3.47
N CYS B 180 29.06 5.93 -4.75
CA CYS B 180 29.15 4.91 -5.78
C CYS B 180 29.82 5.54 -6.98
N SER B 181 30.75 4.80 -7.58
CA SER B 181 31.47 5.29 -8.75
C SER B 181 31.41 4.21 -9.83
N MET B 182 31.22 4.64 -11.07
CA MET B 182 31.13 3.72 -12.19
C MET B 182 31.84 4.33 -13.40
N PRO B 183 32.60 3.51 -14.14
CA PRO B 183 33.31 4.03 -15.32
C PRO B 183 32.35 4.09 -16.50
N ILE B 184 32.52 5.08 -17.37
CA ILE B 184 31.63 5.19 -18.52
C ILE B 184 32.32 5.22 -19.87
N GLY B 185 33.63 5.00 -19.88
CA GLY B 185 34.38 4.96 -21.12
C GLY B 185 34.48 6.23 -21.96
N GLN B 186 34.37 7.39 -21.31
CA GLN B 186 34.47 8.67 -22.02
C GLN B 186 35.31 9.59 -21.15
N SER B 187 36.36 10.16 -21.73
CA SER B 187 37.22 11.07 -20.98
C SER B 187 36.36 12.26 -20.57
N LEU B 188 36.27 12.50 -19.26
CA LEU B 188 35.44 13.58 -18.75
C LEU B 188 36.19 14.63 -17.93
N PRO B 189 35.74 15.89 -18.00
CA PRO B 189 36.36 16.99 -17.26
C PRO B 189 35.89 16.91 -15.81
N SER B 190 36.76 17.26 -14.88
CA SER B 190 36.39 17.21 -13.47
C SER B 190 35.28 18.22 -13.20
N HIS B 191 34.17 17.74 -12.69
CA HIS B 191 33.03 18.60 -12.41
C HIS B 191 32.12 17.96 -11.35
N SER B 192 31.38 18.81 -10.64
CA SER B 192 30.48 18.34 -9.60
C SER B 192 29.27 19.25 -9.46
N VAL B 193 28.08 18.64 -9.38
CA VAL B 193 26.85 19.39 -9.21
C VAL B 193 25.94 18.63 -8.25
N ILE B 194 25.04 19.35 -7.60
CA ILE B 194 24.11 18.74 -6.66
C ILE B 194 22.71 18.75 -7.28
N VAL B 195 22.14 17.57 -7.46
CA VAL B 195 20.80 17.46 -8.01
C VAL B 195 19.82 17.43 -6.85
N PRO B 196 18.75 18.24 -6.91
CA PRO B 196 17.75 18.30 -5.84
C PRO B 196 17.14 16.92 -5.60
N ARG B 197 16.88 16.62 -4.34
CA ARG B 197 16.31 15.35 -3.92
C ARG B 197 15.16 14.86 -4.82
N LYS B 198 14.13 15.69 -4.97
CA LYS B 198 12.98 15.34 -5.77
C LYS B 198 13.39 15.06 -7.21
N GLY B 199 14.39 15.80 -7.70
CA GLY B 199 14.88 15.62 -9.05
C GLY B 199 15.58 14.28 -9.22
N VAL B 200 16.30 13.85 -8.18
CA VAL B 200 17.01 12.58 -8.20
C VAL B 200 16.01 11.43 -8.37
N ILE B 201 14.92 11.50 -7.61
CA ILE B 201 13.89 10.48 -7.64
C ILE B 201 13.18 10.42 -8.99
N GLU B 202 12.83 11.59 -9.54
CA GLU B 202 12.17 11.65 -10.82
C GLU B 202 13.08 11.08 -11.91
N LEU B 203 14.38 11.34 -11.79
CA LEU B 203 15.34 10.84 -12.76
C LEU B 203 15.42 9.31 -12.65
N MET B 204 15.53 8.82 -11.42
CA MET B 204 15.60 7.38 -11.19
C MET B 204 14.38 6.71 -11.82
N ARG B 205 13.22 7.34 -11.65
CA ARG B 205 11.96 6.79 -12.18
C ARG B 205 11.81 6.79 -13.70
N MET B 206 12.60 7.57 -14.42
CA MET B 206 12.46 7.58 -15.87
C MET B 206 13.39 6.55 -16.51
N LEU B 207 14.18 5.87 -15.68
CA LEU B 207 15.12 4.85 -16.15
C LEU B 207 14.47 3.47 -16.17
N ASP B 208 14.23 2.95 -17.36
CA ASP B 208 13.61 1.64 -17.50
C ASP B 208 14.02 0.96 -18.80
N GLY B 209 14.91 1.61 -19.55
CA GLY B 209 15.34 1.07 -20.83
C GLY B 209 16.57 0.18 -20.80
N GLY B 210 16.99 -0.24 -19.60
CA GLY B 210 18.15 -1.10 -19.49
C GLY B 210 19.37 -0.64 -20.25
N ASP B 211 19.69 -1.33 -21.35
CA ASP B 211 20.86 -0.97 -22.14
C ASP B 211 20.64 0.23 -23.05
N ASN B 212 19.43 0.80 -23.03
CA ASN B 212 19.14 1.97 -23.86
C ASN B 212 19.99 3.13 -23.33
N PRO B 213 20.60 3.89 -24.25
CA PRO B 213 21.46 5.03 -23.90
C PRO B 213 20.76 6.24 -23.26
N LEU B 214 21.47 6.87 -22.34
CA LEU B 214 21.00 8.06 -21.65
C LEU B 214 22.00 9.17 -21.98
N ARG B 215 21.48 10.35 -22.27
CA ARG B 215 22.33 11.50 -22.60
C ARG B 215 22.20 12.52 -21.48
N VAL B 216 23.32 12.93 -20.91
CA VAL B 216 23.32 13.90 -19.83
C VAL B 216 24.04 15.18 -20.21
N GLN B 217 23.42 16.31 -19.86
CA GLN B 217 24.00 17.62 -20.13
C GLN B 217 23.95 18.39 -18.82
N ILE B 218 25.08 18.94 -18.43
CA ILE B 218 25.15 19.71 -17.18
C ILE B 218 25.54 21.15 -17.46
N GLY B 219 24.74 22.07 -16.94
CA GLY B 219 25.02 23.48 -17.12
C GLY B 219 25.47 24.02 -15.78
N SER B 220 25.67 25.34 -15.69
CA SER B 220 26.11 25.94 -14.44
C SER B 220 25.03 25.86 -13.37
N ASN B 221 23.76 25.85 -13.79
CA ASN B 221 22.67 25.79 -12.83
C ASN B 221 21.57 24.80 -13.16
N ASN B 222 21.81 23.92 -14.11
CA ASN B 222 20.82 22.93 -14.50
C ASN B 222 21.46 21.63 -14.95
N ILE B 223 20.68 20.56 -14.92
CA ILE B 223 21.13 19.27 -15.42
C ILE B 223 19.99 18.80 -16.30
N ARG B 224 20.31 18.12 -17.38
CA ARG B 224 19.28 17.62 -18.28
C ARG B 224 19.61 16.20 -18.65
N ALA B 225 18.57 15.37 -18.74
CA ALA B 225 18.74 13.98 -19.10
C ALA B 225 17.78 13.65 -20.24
N HIS B 226 18.32 13.08 -21.31
CA HIS B 226 17.56 12.70 -22.50
C HIS B 226 17.39 11.19 -22.43
N VAL B 227 16.17 10.73 -22.22
CA VAL B 227 15.88 9.30 -22.11
C VAL B 227 14.84 8.91 -23.16
N GLY B 228 15.30 8.33 -24.26
CA GLY B 228 14.39 7.94 -25.32
C GLY B 228 13.66 9.18 -25.81
N ASP B 229 12.34 9.19 -25.67
CA ASP B 229 11.57 10.35 -26.11
C ASP B 229 11.14 11.20 -24.92
N PHE B 230 11.96 11.18 -23.87
CA PHE B 230 11.69 11.96 -22.67
C PHE B 230 12.88 12.86 -22.38
N ILE B 231 12.60 14.09 -21.94
CA ILE B 231 13.66 15.03 -21.60
C ILE B 231 13.37 15.60 -20.22
N PHE B 232 14.24 15.28 -19.26
CA PHE B 232 14.10 15.76 -17.90
C PHE B 232 15.10 16.86 -17.61
N THR B 233 14.63 17.97 -17.06
CA THR B 233 15.50 19.08 -16.72
C THR B 233 15.21 19.57 -15.31
N SER B 234 16.27 19.81 -14.55
CA SER B 234 16.12 20.27 -13.19
C SER B 234 17.15 21.33 -12.83
N LYS B 235 16.78 22.24 -11.94
CA LYS B 235 17.71 23.24 -11.46
C LYS B 235 18.63 22.46 -10.53
N LEU B 236 19.76 23.04 -10.18
CA LEU B 236 20.72 22.39 -9.29
C LEU B 236 20.66 23.06 -7.92
N VAL B 237 21.27 22.43 -6.92
CA VAL B 237 21.29 22.97 -5.57
C VAL B 237 22.64 23.65 -5.36
N ASP B 238 22.63 24.85 -4.81
CA ASP B 238 23.89 25.56 -4.55
C ASP B 238 24.50 25.08 -3.25
N GLY B 239 25.77 25.39 -3.05
CA GLY B 239 26.43 24.97 -1.84
C GLY B 239 27.61 24.05 -2.05
N ARG B 240 28.43 23.93 -1.02
CA ARG B 240 29.60 23.08 -1.07
C ARG B 240 29.26 21.73 -0.49
N PHE B 241 29.22 20.71 -1.34
CA PHE B 241 28.91 19.38 -0.88
C PHE B 241 30.15 18.81 -0.20
N PRO B 242 29.98 18.17 0.97
CA PRO B 242 31.13 17.61 1.67
C PRO B 242 31.94 16.61 0.84
N ASP B 243 33.19 16.39 1.26
CA ASP B 243 34.11 15.49 0.57
C ASP B 243 34.04 14.12 1.25
N TYR B 244 33.43 13.14 0.58
CA TYR B 244 33.29 11.81 1.16
C TYR B 244 34.62 11.21 1.63
N ARG B 245 35.69 11.51 0.92
CA ARG B 245 37.00 10.99 1.26
C ARG B 245 37.38 11.31 2.70
N ARG B 246 36.89 12.44 3.21
CA ARG B 246 37.20 12.85 4.58
C ARG B 246 36.47 12.10 5.68
N VAL B 247 35.43 11.35 5.36
CA VAL B 247 34.71 10.60 6.39
C VAL B 247 35.07 9.13 6.38
N LEU B 248 35.76 8.68 5.33
CA LEU B 248 36.18 7.28 5.25
C LEU B 248 37.16 7.04 6.40
N PRO B 249 36.99 5.94 7.14
CA PRO B 249 37.91 5.68 8.25
C PRO B 249 39.36 5.63 7.79
N LYS B 250 40.26 6.15 8.62
CA LYS B 250 41.69 6.14 8.31
C LYS B 250 42.39 5.08 9.13
N ASN B 251 43.21 4.27 8.44
CA ASN B 251 43.94 3.19 9.09
C ASN B 251 43.03 2.34 9.97
N PRO B 252 42.02 1.70 9.38
CA PRO B 252 41.10 0.86 10.15
C PRO B 252 41.87 -0.29 10.77
N ASP B 253 41.74 -0.48 12.07
CA ASP B 253 42.45 -1.56 12.77
C ASP B 253 41.53 -2.72 13.12
N LYS B 254 40.27 -2.62 12.70
CA LYS B 254 39.31 -3.66 12.97
C LYS B 254 38.57 -3.96 11.68
N HIS B 255 38.46 -5.24 11.34
CA HIS B 255 37.82 -5.64 10.11
C HIS B 255 36.90 -6.83 10.34
N LEU B 256 35.68 -6.71 9.83
CA LEU B 256 34.71 -7.79 9.97
C LEU B 256 34.14 -8.14 8.62
N GLU B 257 33.86 -9.42 8.44
CA GLU B 257 33.29 -9.91 7.19
C GLU B 257 32.29 -11.01 7.55
N ALA B 258 31.11 -10.95 6.95
CA ALA B 258 30.08 -11.93 7.25
C ALA B 258 29.07 -12.01 6.12
N GLY B 259 28.26 -13.07 6.12
CA GLY B 259 27.24 -13.24 5.10
C GLY B 259 26.26 -12.08 5.24
N CYS B 260 25.88 -11.48 4.11
CA CYS B 260 24.96 -10.35 4.14
C CYS B 260 23.56 -10.70 4.65
N ASP B 261 22.99 -11.80 4.18
CA ASP B 261 21.65 -12.20 4.61
C ASP B 261 21.57 -12.47 6.11
N LEU B 262 22.49 -13.30 6.61
CA LEU B 262 22.49 -13.62 8.03
C LEU B 262 22.66 -12.35 8.86
N LEU B 263 23.53 -11.45 8.40
CA LEU B 263 23.75 -10.21 9.13
C LEU B 263 22.47 -9.39 9.15
N LYS B 264 21.86 -9.24 7.97
CA LYS B 264 20.63 -8.47 7.84
C LYS B 264 19.48 -9.02 8.66
N GLN B 265 19.28 -10.33 8.63
CA GLN B 265 18.18 -10.92 9.37
C GLN B 265 18.39 -10.80 10.89
N ALA B 266 19.65 -10.83 11.32
CA ALA B 266 19.94 -10.72 12.75
C ALA B 266 19.65 -9.29 13.23
N PHE B 267 20.04 -8.30 12.43
CA PHE B 267 19.77 -6.92 12.80
C PHE B 267 18.27 -6.67 12.76
N ALA B 268 17.60 -7.28 11.78
CA ALA B 268 16.16 -7.14 11.63
C ALA B 268 15.40 -7.64 12.86
N ARG B 269 15.78 -8.83 13.35
CA ARG B 269 15.11 -9.38 14.53
C ARG B 269 15.43 -8.57 15.77
N ALA B 270 16.69 -8.18 15.94
CA ALA B 270 17.10 -7.41 17.10
C ALA B 270 16.36 -6.07 17.12
N ALA B 271 16.17 -5.48 15.95
CA ALA B 271 15.47 -4.19 15.84
C ALA B 271 14.09 -4.22 16.49
N ILE B 272 13.46 -5.38 16.49
CA ILE B 272 12.13 -5.52 17.05
C ILE B 272 12.03 -5.04 18.50
N LEU B 273 13.09 -5.24 19.27
CA LEU B 273 13.08 -4.84 20.67
C LEU B 273 14.00 -3.66 20.96
N SER B 274 14.26 -2.84 19.94
CA SER B 274 15.07 -1.64 20.11
C SER B 274 14.09 -0.49 20.34
N ASN B 275 14.59 0.62 20.87
CA ASN B 275 13.76 1.78 21.12
C ASN B 275 13.05 2.17 19.82
N GLU B 276 11.74 2.31 19.87
CA GLU B 276 10.96 2.65 18.70
C GLU B 276 11.37 3.94 17.99
N LYS B 277 11.90 4.90 18.74
CA LYS B 277 12.30 6.15 18.09
C LYS B 277 13.81 6.36 17.93
N PHE B 278 14.62 5.76 18.80
CA PHE B 278 16.06 5.93 18.68
C PHE B 278 16.75 4.75 17.98
N ARG B 279 16.05 3.62 17.90
CA ARG B 279 16.53 2.43 17.20
C ARG B 279 17.94 1.95 17.50
N GLY B 280 18.41 2.19 18.72
CA GLY B 280 19.77 1.79 19.05
C GLY B 280 19.99 0.31 19.30
N VAL B 281 21.07 -0.21 18.75
CA VAL B 281 21.47 -1.61 18.94
C VAL B 281 22.95 -1.59 19.26
N ARG B 282 23.41 -2.56 20.04
CA ARG B 282 24.82 -2.64 20.40
C ARG B 282 25.48 -3.82 19.69
N LEU B 283 26.69 -3.60 19.18
CA LEU B 283 27.45 -4.64 18.52
C LEU B 283 28.68 -4.92 19.37
N TYR B 284 28.96 -6.20 19.60
CA TYR B 284 30.12 -6.61 20.36
C TYR B 284 30.93 -7.51 19.46
N VAL B 285 32.15 -7.08 19.11
CA VAL B 285 32.99 -7.89 18.25
C VAL B 285 34.15 -8.54 18.99
N SER B 286 34.34 -9.83 18.73
CA SER B 286 35.43 -10.60 19.34
C SER B 286 35.88 -11.62 18.31
N GLU B 287 36.95 -12.36 18.60
CA GLU B 287 37.48 -13.34 17.66
C GLU B 287 36.41 -14.17 16.96
N ASN B 288 36.30 -13.96 15.65
CA ASN B 288 35.35 -14.65 14.79
C ASN B 288 33.92 -14.70 15.31
N GLN B 289 33.50 -13.67 16.05
CA GLN B 289 32.16 -13.63 16.61
C GLN B 289 31.58 -12.23 16.76
N LEU B 290 30.31 -12.09 16.38
CA LEU B 290 29.59 -10.82 16.49
C LEU B 290 28.35 -11.05 17.34
N LYS B 291 28.13 -10.18 18.31
CA LYS B 291 26.96 -10.29 19.16
C LYS B 291 26.22 -8.98 19.01
N ILE B 292 24.93 -9.07 18.69
CA ILE B 292 24.10 -7.88 18.52
C ILE B 292 23.06 -7.88 19.60
N THR B 293 22.95 -6.76 20.32
CA THR B 293 21.96 -6.67 21.38
C THR B 293 21.09 -5.43 21.21
N ALA B 294 19.88 -5.53 21.75
CA ALA B 294 18.93 -4.43 21.70
C ALA B 294 18.03 -4.47 22.92
N ASN B 295 17.67 -3.31 23.43
CA ASN B 295 16.73 -3.23 24.53
C ASN B 295 15.91 -1.95 24.40
N ASN B 296 14.69 -2.00 24.90
CA ASN B 296 13.78 -0.85 24.82
C ASN B 296 13.37 -0.39 26.21
N PRO B 297 12.55 0.67 26.30
CA PRO B 297 12.13 1.16 27.62
C PRO B 297 11.37 0.15 28.49
N GLU B 298 10.74 -0.85 27.87
CA GLU B 298 10.01 -1.87 28.63
C GLU B 298 10.94 -2.93 29.21
N GLN B 299 12.25 -2.71 29.10
CA GLN B 299 13.23 -3.66 29.61
C GLN B 299 13.28 -4.96 28.82
N GLU B 300 12.76 -4.95 27.60
CA GLU B 300 12.79 -6.14 26.77
C GLU B 300 14.15 -6.17 26.08
N GLU B 301 14.66 -7.36 25.80
CA GLU B 301 15.97 -7.48 25.18
C GLU B 301 16.03 -8.53 24.08
N ALA B 302 16.90 -8.29 23.10
CA ALA B 302 17.10 -9.22 22.01
C ALA B 302 18.61 -9.42 21.92
N GLU B 303 19.04 -10.62 21.57
CA GLU B 303 20.46 -10.90 21.45
C GLU B 303 20.67 -11.87 20.31
N GLU B 304 21.56 -11.52 19.40
CA GLU B 304 21.88 -12.37 18.25
C GLU B 304 23.36 -12.66 18.23
N ILE B 305 23.74 -13.92 18.06
CA ILE B 305 25.15 -14.28 17.97
C ILE B 305 25.37 -14.85 16.58
N LEU B 306 26.42 -14.37 15.92
CA LEU B 306 26.74 -14.80 14.56
C LEU B 306 28.21 -15.17 14.43
N ASP B 307 28.50 -16.17 13.59
CA ASP B 307 29.87 -16.55 13.35
C ASP B 307 30.29 -15.58 12.26
N VAL B 308 31.43 -14.95 12.43
CA VAL B 308 31.91 -14.00 11.43
C VAL B 308 33.42 -14.13 11.39
N THR B 309 34.03 -13.44 10.44
CA THR B 309 35.47 -13.42 10.35
C THR B 309 35.83 -12.06 10.94
N TYR B 310 36.46 -12.08 12.12
CA TYR B 310 36.82 -10.83 12.76
C TYR B 310 38.24 -10.81 13.30
N SER B 311 38.96 -9.76 12.97
CA SER B 311 40.33 -9.57 13.43
C SER B 311 40.40 -8.18 14.07
N GLY B 312 41.07 -8.08 15.20
CA GLY B 312 41.21 -6.81 15.88
C GLY B 312 40.86 -6.92 17.36
N ALA B 313 41.01 -5.84 18.10
CA ALA B 313 40.69 -5.85 19.52
C ALA B 313 39.18 -5.98 19.72
N GLU B 314 38.79 -6.55 20.85
CA GLU B 314 37.37 -6.71 21.15
C GLU B 314 36.83 -5.30 21.38
N MET B 315 35.60 -5.05 20.95
CA MET B 315 35.03 -3.73 21.12
C MET B 315 33.51 -3.73 21.06
N GLU B 316 32.91 -2.72 21.69
CA GLU B 316 31.46 -2.54 21.68
C GLU B 316 31.22 -1.23 20.95
N ILE B 317 30.25 -1.24 20.04
CA ILE B 317 29.93 -0.03 19.28
C ILE B 317 28.43 0.00 19.01
N GLY B 318 27.84 1.18 19.19
CA GLY B 318 26.40 1.33 18.98
C GLY B 318 26.04 1.86 17.62
N PHE B 319 24.83 1.54 17.17
CA PHE B 319 24.34 1.99 15.87
C PHE B 319 22.83 2.13 15.82
N ASN B 320 22.38 3.01 14.94
CA ASN B 320 20.95 3.19 14.68
C ASN B 320 20.74 2.01 13.75
N VAL B 321 19.97 1.02 14.18
CA VAL B 321 19.76 -0.18 13.35
C VAL B 321 19.13 0.09 11.98
N SER B 322 18.32 1.15 11.86
CA SER B 322 17.71 1.46 10.57
C SER B 322 18.78 1.86 9.56
N TYR B 323 19.79 2.60 10.02
CA TYR B 323 20.87 3.01 9.13
C TYR B 323 21.65 1.78 8.66
N VAL B 324 21.87 0.84 9.56
CA VAL B 324 22.61 -0.37 9.20
C VAL B 324 21.78 -1.17 8.20
N LEU B 325 20.51 -1.38 8.50
CA LEU B 325 19.64 -2.13 7.61
C LEU B 325 19.50 -1.47 6.24
N ASP B 326 19.49 -0.14 6.19
CA ASP B 326 19.40 0.55 4.90
C ASP B 326 20.57 0.13 4.03
N VAL B 327 21.76 0.13 4.62
CA VAL B 327 22.96 -0.26 3.90
C VAL B 327 22.88 -1.72 3.45
N LEU B 328 22.57 -2.62 4.37
CA LEU B 328 22.49 -4.04 4.03
C LEU B 328 21.44 -4.32 2.95
N ASN B 329 20.34 -3.56 2.97
CA ASN B 329 19.28 -3.72 1.98
C ASN B 329 19.70 -3.20 0.62
N ALA B 330 20.54 -2.16 0.61
CA ALA B 330 21.01 -1.57 -0.63
C ALA B 330 22.05 -2.48 -1.29
N LEU B 331 22.76 -3.24 -0.46
CA LEU B 331 23.75 -4.17 -0.96
C LEU B 331 22.99 -5.45 -1.31
N LYS B 332 23.04 -5.87 -2.56
CA LYS B 332 22.35 -7.08 -2.98
C LYS B 332 23.50 -8.03 -3.23
N CYS B 333 24.17 -8.46 -2.16
CA CYS B 333 25.33 -9.33 -2.32
C CYS B 333 25.45 -10.41 -1.28
N GLU B 334 26.40 -11.31 -1.51
CA GLU B 334 26.65 -12.45 -0.63
C GLU B 334 27.31 -12.12 0.70
N ASN B 335 28.45 -11.44 0.65
CA ASN B 335 29.17 -11.10 1.87
C ASN B 335 29.40 -9.61 2.01
N VAL B 336 29.47 -9.15 3.26
CA VAL B 336 29.69 -7.74 3.55
C VAL B 336 30.95 -7.58 4.39
N ARG B 337 31.67 -6.49 4.15
CA ARG B 337 32.89 -6.17 4.86
C ARG B 337 32.68 -4.88 5.64
N MET B 338 33.17 -4.84 6.87
CA MET B 338 33.07 -3.65 7.72
C MET B 338 34.46 -3.29 8.23
N MET B 339 34.81 -2.02 8.13
CA MET B 339 36.10 -1.53 8.61
C MET B 339 35.82 -0.51 9.70
N LEU B 340 36.40 -0.73 10.87
CA LEU B 340 36.19 0.16 12.01
C LEU B 340 37.50 0.59 12.66
N THR B 341 37.38 1.56 13.56
CA THR B 341 38.50 2.05 14.35
C THR B 341 38.02 2.04 15.80
N ASP B 342 37.45 3.14 16.27
CA ASP B 342 36.97 3.19 17.65
C ASP B 342 35.43 3.21 17.76
N SER B 343 34.95 3.18 19.00
CA SER B 343 33.51 3.15 19.30
C SER B 343 32.68 4.36 18.89
N VAL B 344 33.32 5.49 18.62
CA VAL B 344 32.57 6.67 18.24
C VAL B 344 32.99 7.22 16.89
N SER B 345 33.70 6.42 16.12
CA SER B 345 34.16 6.85 14.80
C SER B 345 33.49 6.13 13.65
N SER B 346 33.64 6.70 12.46
CA SER B 346 33.06 6.17 11.24
C SER B 346 33.32 4.69 11.04
N VAL B 347 32.34 4.02 10.46
CA VAL B 347 32.47 2.61 10.14
C VAL B 347 32.12 2.54 8.66
N GLN B 348 32.98 1.89 7.89
CA GLN B 348 32.77 1.76 6.46
C GLN B 348 32.23 0.38 6.19
N ILE B 349 31.22 0.31 5.33
CA ILE B 349 30.60 -0.95 4.97
C ILE B 349 30.52 -1.08 3.47
N GLU B 350 30.79 -2.28 2.96
CA GLU B 350 30.73 -2.49 1.53
C GLU B 350 30.58 -3.97 1.19
N ASP B 351 30.26 -4.22 -0.07
CA ASP B 351 30.13 -5.57 -0.60
C ASP B 351 31.56 -6.10 -0.51
N ALA B 352 31.75 -7.26 0.10
CA ALA B 352 33.11 -7.80 0.20
C ALA B 352 33.69 -8.12 -1.18
N ALA B 353 32.83 -8.25 -2.18
CA ALA B 353 33.28 -8.58 -3.53
C ALA B 353 33.31 -7.39 -4.50
N SER B 354 33.04 -6.19 -4.02
CA SER B 354 33.07 -5.02 -4.89
C SER B 354 33.37 -3.72 -4.16
N GLN B 355 34.17 -2.87 -4.79
CA GLN B 355 34.54 -1.59 -4.22
C GLN B 355 33.86 -0.42 -4.95
N SER B 356 32.97 -0.72 -5.89
CA SER B 356 32.29 0.31 -6.66
C SER B 356 31.42 1.23 -5.78
N ALA B 357 30.95 0.70 -4.66
CA ALA B 357 30.13 1.46 -3.74
C ALA B 357 30.66 1.31 -2.32
N ALA B 358 30.52 2.36 -1.52
CA ALA B 358 30.98 2.33 -0.15
C ALA B 358 30.01 3.10 0.72
N TYR B 359 29.82 2.63 1.95
CA TYR B 359 28.91 3.29 2.86
C TYR B 359 29.59 3.58 4.19
N VAL B 360 29.32 4.76 4.73
CA VAL B 360 29.87 5.16 6.01
C VAL B 360 28.72 5.47 6.95
N VAL B 361 28.76 4.89 8.13
CA VAL B 361 27.72 5.12 9.12
C VAL B 361 28.35 5.54 10.43
N MET B 362 27.85 6.64 11.00
CA MET B 362 28.36 7.11 12.28
C MET B 362 27.62 6.36 13.38
N PRO B 363 28.36 5.87 14.38
CA PRO B 363 27.71 5.14 15.47
C PRO B 363 26.97 6.04 16.44
N MET B 364 26.33 5.42 17.42
CA MET B 364 25.66 6.19 18.45
C MET B 364 26.29 5.79 19.78
N ARG B 365 26.30 6.72 20.71
CA ARG B 365 26.89 6.48 22.03
C ARG B 365 25.91 5.71 22.91
N LEU B 366 26.12 4.41 23.04
CA LEU B 366 25.26 3.57 23.86
C LEU B 366 26.13 2.73 24.78
N SER C 1 -33.32 15.93 0.10
CA SER C 1 -31.90 15.49 0.31
C SER C 1 -31.31 14.99 -1.01
N GLU C 2 -30.09 15.42 -1.32
CA GLU C 2 -29.45 14.99 -2.56
C GLU C 2 -29.41 13.47 -2.65
N GLN C 3 -29.10 12.81 -1.56
CA GLN C 3 -29.07 11.35 -1.53
C GLN C 3 -30.36 10.90 -0.89
N VAL C 4 -31.11 10.06 -1.59
CA VAL C 4 -32.38 9.57 -1.05
C VAL C 4 -32.12 8.45 -0.06
N GLU C 5 -32.84 8.47 1.06
CA GLU C 5 -32.69 7.46 2.10
C GLU C 5 -33.57 6.25 1.86
N LEU C 6 -33.05 5.07 2.16
CA LEU C 6 -33.81 3.83 2.02
C LEU C 6 -35.01 3.91 2.96
N GLU C 7 -36.16 3.45 2.49
CA GLU C 7 -37.38 3.48 3.29
C GLU C 7 -37.87 2.09 3.64
N PHE C 8 -37.55 1.64 4.86
CA PHE C 8 -37.97 0.32 5.32
C PHE C 8 -39.29 0.44 6.08
N ASP C 9 -39.34 1.44 6.97
CA ASP C 9 -40.52 1.69 7.79
C ASP C 9 -41.72 2.01 6.90
N SER D 1 26.12 13.75 22.17
CA SER D 1 24.85 13.41 21.45
C SER D 1 24.75 11.90 21.26
N GLU D 2 23.55 11.36 21.41
CA GLU D 2 23.36 9.92 21.26
C GLU D 2 23.80 9.46 19.88
N GLN D 3 23.46 10.23 18.86
CA GLN D 3 23.86 9.89 17.49
C GLN D 3 25.07 10.77 17.17
N VAL D 4 26.17 10.15 16.77
CA VAL D 4 27.37 10.92 16.44
C VAL D 4 27.25 11.49 15.05
N GLU D 5 27.63 12.76 14.89
CA GLU D 5 27.55 13.43 13.60
C GLU D 5 28.80 13.19 12.77
N LEU D 6 28.62 13.09 11.45
CA LEU D 6 29.74 12.87 10.55
C LEU D 6 30.64 14.11 10.63
N GLU D 7 31.95 13.88 10.73
CA GLU D 7 32.90 14.99 10.81
C GLU D 7 33.60 15.18 9.47
N PHE D 8 33.17 16.21 8.73
CA PHE D 8 33.74 16.52 7.43
C PHE D 8 35.03 17.32 7.59
N ASP D 9 35.51 17.42 8.82
CA ASP D 9 36.73 18.15 9.15
C ASP D 9 36.54 19.66 9.01
C1 PEG E . 1.42 -30.06 9.22
O1 PEG E . 0.90 -29.58 10.46
C2 PEG E . 2.81 -29.49 8.98
O2 PEG E . 3.79 -30.34 9.56
C3 PEG E . 5.07 -29.75 9.30
C4 PEG E . 6.18 -30.61 9.89
O4 PEG E . 6.25 -31.85 9.18
C1 PEG F . -1.68 -23.30 10.91
O1 PEG F . -0.51 -23.15 10.10
C2 PEG F . -2.93 -23.06 10.06
O2 PEG F . -3.14 -24.18 9.20
C3 PEG F . -4.31 -23.91 8.43
C4 PEG F . -4.59 -25.09 7.48
O4 PEG F . -3.46 -25.29 6.64
C1 323 G . -38.99 18.24 -2.32
O1 323 G . -41.75 18.68 -3.18
N1 323 G . -43.36 17.23 1.21
C10 323 G . -39.86 17.51 -0.04
C11 323 G . -40.89 17.27 0.82
C12 323 G . -42.32 17.47 0.41
C13 323 G . -42.51 17.98 -1.05
C14 323 G . -41.90 20.38 -8.06
C15 323 G . -39.48 20.49 -8.74
C16 323 G . -44.79 17.42 0.80
C17 323 G . -43.18 16.75 2.60
C18 323 G . -37.53 18.02 -1.90
C19 323 G . -37.13 16.65 -1.83
O2 323 G . -37.95 21.01 -2.19
N2 323 G . -40.50 20.18 -7.69
C2 323 G . -40.03 18.00 -1.46
C20 323 G . -35.81 16.32 -1.45
C21 323 G . -34.86 17.34 -1.13
C22 323 G . -35.27 18.71 -1.21
C23 323 G . -36.60 19.09 -1.58
C24 323 G . -36.86 20.58 -1.61
C25 323 G . -33.49 16.95 -0.75
O3 323 G . -36.00 21.33 -1.06
C3 323 G . -41.45 18.21 -1.88
O4 323 G . -32.56 17.64 -1.14
C4 323 G . -40.70 18.93 -4.07
C5 323 G . -39.34 18.73 -3.70
C6 323 G . -41.07 19.40 -5.37
C7 323 G . -40.09 19.69 -6.36
C8 323 G . -38.72 19.49 -6.01
C9 323 G . -38.35 19.03 -4.73
C1 323 H . 31.19 13.70 26.34
O1 323 H . 33.82 13.84 27.63
N1 323 H . 34.69 18.11 25.39
C10 323 H . 31.67 15.93 25.21
C11 323 H . 32.49 16.99 24.97
C12 323 H . 33.86 17.09 25.61
C13 323 H . 34.22 15.90 26.54
C14 323 H . 34.59 9.76 30.69
C15 323 H . 32.48 8.40 30.44
C16 323 H . 36.04 18.20 26.02
C17 323 H . 34.34 19.24 24.51
C18 323 H . 29.80 13.61 25.68
C19 323 H . 29.84 13.27 24.28
O2 323 H . 29.39 14.15 28.63
N2 323 H . 33.27 9.62 30.07
C2 323 H . 32.02 14.77 26.10
C20 323 H . 28.62 13.17 23.57
C21 323 H . 27.37 13.39 24.21
C22 323 H . 27.35 13.73 25.61
C23 323 H . 28.56 13.85 26.37
C24 323 H . 28.37 14.21 27.83
C25 323 H . 26.12 13.27 23.44
O3 323 H . 27.20 14.55 28.20
C3 323 H . 33.37 14.86 26.75
O4 323 H . 25.14 12.79 23.97
C4 323 H . 32.98 12.76 27.88
C5 323 H . 31.68 12.63 27.28
C6 323 H . 33.48 11.77 28.78
C7 323 H . 32.72 10.61 29.12
C8 323 H . 31.44 10.48 28.53
C9 323 H . 30.93 11.44 27.63
#